data_2Q7R
#
_entry.id   2Q7R
#
_cell.length_a   180.660
_cell.length_b   180.660
_cell.length_c   139.990
_cell.angle_alpha   90.00
_cell.angle_beta   90.00
_cell.angle_gamma   90.00
#
_symmetry.space_group_name_H-M   'P 4 21 2'
#
loop_
_entity.id
_entity.type
_entity.pdbx_description
1 polymer 'Arachidonate 5-lipoxygenase-activating protein'
2 non-polymer '3-[3-(3,3-DIMETHYLBUTANOYL)-1-(4-IODOBENZYL)-5-(QUINOLIN-2-YLMETHOXY)-1H-INDOL-2-YL]-2,2-DIMETHYLPROPANOIC ACID'
#
_entity_poly.entity_id   1
_entity_poly.type   'polypeptide(L)'
_entity_poly.pdbx_seq_one_letter_code
;(MSE)DQETVGNVVLLAIVTLISVVQNGFFAHKVEHESRTQNGRSFQRTGTLAFERVYTANQNCVDAYPTFLAVLWSAGL
LCSQVPAAFAGL(MSE)YLFVRQKYFVGYLGERTQSTPGYIFGKRIILFLFL(MSE)SVAGIFNYYLIFFFGSDFENYIA
TISTTISPLLLIP
;
_entity_poly.pdbx_strand_id   A,B,C,D,E,F
#
# COMPACT_ATOMS: atom_id res chain seq x y z
N ASP A 2 13.63 18.10 -18.71
CA ASP A 2 13.64 19.45 -19.29
C ASP A 2 15.04 19.85 -19.76
N GLN A 3 15.12 20.23 -21.03
CA GLN A 3 16.36 20.60 -21.68
C GLN A 3 17.39 21.28 -20.79
N GLU A 4 16.93 22.15 -19.90
CA GLU A 4 17.85 22.86 -19.01
C GLU A 4 18.68 21.88 -18.17
N THR A 5 17.99 21.14 -17.30
CA THR A 5 18.61 20.18 -16.41
C THR A 5 19.50 19.21 -17.17
N VAL A 6 18.98 18.70 -18.27
CA VAL A 6 19.73 17.76 -19.11
C VAL A 6 21.12 18.28 -19.35
N GLY A 7 21.25 19.60 -19.39
CA GLY A 7 22.52 20.25 -19.59
C GLY A 7 23.50 19.96 -18.47
N ASN A 8 23.09 20.29 -17.24
CA ASN A 8 23.94 20.10 -16.06
C ASN A 8 24.20 18.64 -15.67
N VAL A 9 24.11 17.73 -16.65
CA VAL A 9 24.33 16.32 -16.37
C VAL A 9 24.84 15.59 -17.59
N VAL A 10 24.65 16.19 -18.75
CA VAL A 10 25.07 15.56 -20.00
C VAL A 10 26.45 14.95 -19.93
N LEU A 11 27.39 15.68 -19.34
CA LEU A 11 28.75 15.15 -19.22
C LEU A 11 28.70 13.85 -18.46
N LEU A 12 28.09 13.89 -17.29
CA LEU A 12 28.00 12.72 -16.45
C LEU A 12 27.34 11.58 -17.22
N ALA A 13 26.27 11.90 -17.94
CA ALA A 13 25.58 10.90 -18.72
C ALA A 13 26.54 10.27 -19.72
N ILE A 14 27.20 11.14 -20.48
CA ILE A 14 28.17 10.73 -21.50
C ILE A 14 29.21 9.78 -20.92
N VAL A 15 30.02 10.30 -20.00
CA VAL A 15 31.05 9.51 -19.37
C VAL A 15 30.44 8.20 -18.84
N THR A 16 29.28 8.29 -18.20
CA THR A 16 28.63 7.08 -17.71
C THR A 16 28.39 6.09 -18.86
N LEU A 17 27.89 6.59 -19.98
CA LEU A 17 27.61 5.75 -21.15
C LEU A 17 28.90 5.09 -21.63
N ILE A 18 29.99 5.82 -21.50
CA ILE A 18 31.29 5.32 -21.89
C ILE A 18 31.63 4.11 -21.03
N SER A 19 31.71 4.32 -19.72
CA SER A 19 32.03 3.25 -18.78
C SER A 19 31.08 2.08 -18.99
N VAL A 20 29.87 2.37 -19.43
CA VAL A 20 28.90 1.33 -19.69
C VAL A 20 29.34 0.52 -20.89
N VAL A 21 29.90 1.20 -21.89
CA VAL A 21 30.37 0.51 -23.09
C VAL A 21 31.65 -0.27 -22.76
N GLN A 22 32.61 0.43 -22.17
CA GLN A 22 33.86 -0.21 -21.77
C GLN A 22 33.51 -1.39 -20.88
N ASN A 23 32.54 -1.17 -19.99
CA ASN A 23 32.11 -2.22 -19.07
C ASN A 23 31.76 -3.50 -19.81
N GLY A 24 31.22 -3.35 -21.02
CA GLY A 24 30.84 -4.48 -21.84
C GLY A 24 32.07 -5.17 -22.38
N PHE A 25 33.01 -4.37 -22.86
CA PHE A 25 34.27 -4.87 -23.37
C PHE A 25 34.89 -5.81 -22.32
N PHE A 26 35.02 -5.32 -21.09
CA PHE A 26 35.60 -6.13 -20.02
C PHE A 26 34.91 -7.48 -19.93
N ALA A 27 33.59 -7.44 -19.88
CA ALA A 27 32.78 -8.66 -19.78
C ALA A 27 32.86 -9.47 -21.07
N HIS A 28 33.36 -8.85 -22.13
CA HIS A 28 33.47 -9.53 -23.40
C HIS A 28 34.76 -10.34 -23.48
N LYS A 29 35.86 -9.72 -23.04
CA LYS A 29 37.16 -10.37 -23.03
C LYS A 29 37.14 -11.52 -22.05
N VAL A 30 36.06 -11.61 -21.27
CA VAL A 30 35.91 -12.68 -20.30
C VAL A 30 35.17 -13.82 -20.98
N GLU A 31 34.32 -13.47 -21.94
CA GLU A 31 33.56 -14.45 -22.69
C GLU A 31 34.50 -15.24 -23.60
N HIS A 32 35.49 -14.54 -24.15
CA HIS A 32 36.48 -15.15 -25.05
C HIS A 32 37.24 -16.33 -24.45
N GLU A 33 37.67 -16.18 -23.20
CA GLU A 33 38.43 -17.21 -22.51
C GLU A 33 37.58 -18.39 -22.07
N SER A 34 36.38 -18.08 -21.60
CA SER A 34 35.46 -19.09 -21.11
C SER A 34 35.01 -20.08 -22.19
N ARG A 35 34.56 -19.55 -23.32
CA ARG A 35 34.06 -20.37 -24.43
C ARG A 35 35.08 -21.33 -25.04
N THR A 36 36.34 -20.90 -25.14
CA THR A 36 37.39 -21.74 -25.69
C THR A 36 37.57 -22.94 -24.76
N GLN A 37 38.20 -22.69 -23.61
CA GLN A 37 38.37 -23.72 -22.61
C GLN A 37 36.98 -23.96 -22.07
N ASN A 38 36.82 -24.97 -21.22
CA ASN A 38 35.49 -25.25 -20.70
C ASN A 38 35.21 -24.57 -19.38
N GLY A 39 34.13 -25.01 -18.73
CA GLY A 39 33.69 -24.47 -17.47
C GLY A 39 32.25 -23.97 -17.51
N ARG A 40 31.34 -24.75 -16.95
CA ARG A 40 29.93 -24.35 -16.88
C ARG A 40 29.79 -23.48 -15.63
N SER A 41 30.69 -23.71 -14.66
CA SER A 41 30.78 -22.94 -13.42
C SER A 41 32.21 -22.40 -13.35
N PHE A 42 32.31 -21.08 -13.40
CA PHE A 42 33.60 -20.42 -13.46
C PHE A 42 34.01 -19.92 -12.09
N GLN A 43 34.15 -20.82 -11.12
CA GLN A 43 34.54 -20.41 -9.78
C GLN A 43 35.88 -20.94 -9.32
N ARG A 44 36.45 -21.87 -10.07
CA ARG A 44 37.74 -22.44 -9.69
C ARG A 44 38.87 -21.89 -10.55
N THR A 45 40.09 -22.02 -10.06
CA THR A 45 41.26 -21.55 -10.78
C THR A 45 41.23 -22.00 -12.23
N GLY A 46 40.82 -21.11 -13.11
CA GLY A 46 40.72 -21.42 -14.52
C GLY A 46 42.07 -21.33 -15.21
N THR A 47 42.05 -21.55 -16.52
CA THR A 47 43.26 -21.47 -17.29
C THR A 47 43.80 -20.09 -17.01
N LEU A 48 45.12 -19.97 -16.95
CA LEU A 48 45.73 -18.69 -16.63
C LEU A 48 45.12 -17.50 -17.36
N ALA A 49 45.10 -17.57 -18.70
CA ALA A 49 44.54 -16.49 -19.49
C ALA A 49 43.10 -16.16 -19.08
N PHE A 50 42.35 -17.19 -18.73
CA PHE A 50 40.96 -17.03 -18.34
C PHE A 50 40.86 -16.59 -16.88
N GLU A 51 41.70 -17.17 -16.02
CA GLU A 51 41.69 -16.81 -14.60
C GLU A 51 42.11 -15.35 -14.43
N ARG A 52 43.10 -14.93 -15.21
CA ARG A 52 43.59 -13.57 -15.14
C ARG A 52 42.50 -12.60 -15.58
N VAL A 53 41.81 -12.96 -16.66
CA VAL A 53 40.77 -12.11 -17.21
C VAL A 53 39.61 -11.92 -16.24
N TYR A 54 39.00 -13.03 -15.84
CA TYR A 54 37.87 -12.98 -14.93
C TYR A 54 38.19 -12.23 -13.66
N THR A 55 39.43 -12.36 -13.19
CA THR A 55 39.84 -11.67 -11.99
C THR A 55 39.90 -10.17 -12.28
N ALA A 56 40.56 -9.82 -13.37
CA ALA A 56 40.70 -8.42 -13.77
C ALA A 56 39.32 -7.79 -13.87
N ASN A 57 38.45 -8.43 -14.65
CA ASN A 57 37.11 -7.95 -14.84
C ASN A 57 36.28 -7.97 -13.55
N GLN A 58 36.30 -9.10 -12.83
CA GLN A 58 35.57 -9.21 -11.58
C GLN A 58 36.20 -8.34 -10.50
N ASN A 59 37.11 -7.48 -10.93
CA ASN A 59 37.80 -6.57 -10.04
C ASN A 59 37.29 -5.15 -10.29
N CYS A 60 36.99 -4.85 -11.54
CA CYS A 60 36.45 -3.55 -11.91
C CYS A 60 34.97 -3.57 -11.65
N VAL A 61 34.42 -4.78 -11.55
CA VAL A 61 33.00 -4.93 -11.32
C VAL A 61 32.67 -4.49 -9.91
N ASP A 62 33.63 -4.66 -9.01
CA ASP A 62 33.43 -4.28 -7.62
C ASP A 62 33.65 -2.77 -7.47
N ALA A 63 34.29 -2.17 -8.46
CA ALA A 63 34.60 -0.75 -8.42
C ALA A 63 33.43 0.12 -8.90
N TYR A 64 32.98 -0.15 -10.12
CA TYR A 64 31.88 0.58 -10.76
C TYR A 64 30.87 1.26 -9.82
N PRO A 65 30.22 0.48 -8.96
CA PRO A 65 29.24 1.06 -8.02
C PRO A 65 29.82 2.22 -7.22
N THR A 66 30.85 1.94 -6.43
CA THR A 66 31.50 2.95 -5.58
C THR A 66 32.05 4.11 -6.44
N PHE A 67 32.39 3.82 -7.68
CA PHE A 67 32.89 4.83 -8.59
C PHE A 67 31.75 5.73 -8.99
N LEU A 68 30.77 5.14 -9.65
CA LEU A 68 29.60 5.86 -10.12
C LEU A 68 29.06 6.70 -9.00
N ALA A 69 29.15 6.15 -7.78
CA ALA A 69 28.69 6.85 -6.61
C ALA A 69 29.30 8.25 -6.57
N VAL A 70 30.61 8.30 -6.36
CA VAL A 70 31.32 9.58 -6.30
C VAL A 70 31.19 10.37 -7.59
N LEU A 71 31.20 9.67 -8.72
CA LEU A 71 31.10 10.31 -10.01
C LEU A 71 29.92 11.26 -10.03
N TRP A 72 28.75 10.75 -9.71
CA TRP A 72 27.58 11.58 -9.74
C TRP A 72 27.48 12.54 -8.57
N SER A 73 27.52 12.01 -7.36
CA SER A 73 27.43 12.84 -6.16
C SER A 73 28.37 14.03 -6.23
N ALA A 74 29.55 13.82 -6.79
CA ALA A 74 30.53 14.89 -6.94
C ALA A 74 30.10 15.82 -8.08
N GLY A 75 29.63 15.25 -9.18
CA GLY A 75 29.18 16.02 -10.32
C GLY A 75 27.87 16.75 -10.09
N LEU A 76 27.19 16.44 -8.99
CA LEU A 76 25.91 17.07 -8.64
C LEU A 76 26.12 18.07 -7.51
N LEU A 77 26.57 17.57 -6.36
CA LEU A 77 26.83 18.43 -5.21
C LEU A 77 27.87 19.49 -5.58
N CYS A 78 28.80 19.11 -6.45
CA CYS A 78 29.87 20.01 -6.92
C CYS A 78 29.86 20.04 -8.44
N SER A 79 29.98 21.24 -9.00
CA SER A 79 29.83 21.41 -10.44
C SER A 79 30.33 20.40 -11.49
N GLN A 80 29.38 20.12 -12.38
CA GLN A 80 29.43 19.22 -13.53
C GLN A 80 30.75 18.83 -14.19
N VAL A 81 31.38 19.77 -14.88
CA VAL A 81 32.59 19.49 -15.65
C VAL A 81 33.66 18.59 -15.03
N PRO A 82 34.42 19.13 -14.05
CA PRO A 82 35.49 18.47 -13.31
C PRO A 82 35.13 17.06 -12.86
N ALA A 83 33.94 16.94 -12.26
CA ALA A 83 33.44 15.65 -11.80
C ALA A 83 33.39 14.70 -12.99
N ALA A 84 32.93 15.22 -14.13
CA ALA A 84 32.83 14.48 -15.38
C ALA A 84 34.18 14.07 -15.91
N PHE A 85 35.08 15.03 -15.98
CA PHE A 85 36.42 14.76 -16.47
C PHE A 85 37.08 13.72 -15.59
N ALA A 86 36.96 13.91 -14.27
CA ALA A 86 37.52 13.00 -13.27
C ALA A 86 37.15 11.57 -13.65
N GLY A 87 35.84 11.32 -13.72
CA GLY A 87 35.31 10.02 -14.09
C GLY A 87 35.89 9.55 -15.41
N LEU A 88 36.15 10.48 -16.31
CA LEU A 88 36.72 10.16 -17.61
C LEU A 88 38.12 9.62 -17.40
N TYR A 90 39.27 8.28 -14.81
CA TYR A 90 39.09 6.98 -14.17
C TYR A 90 38.92 5.92 -15.25
N LEU A 91 38.04 6.17 -16.20
CA LEU A 91 37.80 5.21 -17.27
C LEU A 91 39.10 4.80 -17.95
N PHE A 92 40.07 5.72 -17.95
CA PHE A 92 41.37 5.47 -18.56
C PHE A 92 42.24 4.59 -17.68
N VAL A 93 42.31 4.93 -16.40
CA VAL A 93 43.05 4.15 -15.43
C VAL A 93 42.51 2.72 -15.43
N ARG A 94 41.18 2.63 -15.53
CA ARG A 94 40.46 1.37 -15.60
C ARG A 94 41.08 0.57 -16.72
N GLN A 95 41.02 1.13 -17.92
CA GLN A 95 41.57 0.51 -19.10
C GLN A 95 43.00 0.02 -18.87
N LYS A 96 43.87 0.93 -18.47
CA LYS A 96 45.25 0.57 -18.23
C LYS A 96 45.36 -0.56 -17.23
N TYR A 97 44.58 -0.48 -16.15
CA TYR A 97 44.57 -1.52 -15.13
C TYR A 97 44.13 -2.85 -15.72
N PHE A 98 42.91 -2.88 -16.23
CA PHE A 98 42.35 -4.09 -16.83
C PHE A 98 43.32 -4.64 -17.87
N VAL A 99 43.84 -3.75 -18.70
CA VAL A 99 44.78 -4.14 -19.73
C VAL A 99 46.06 -4.69 -19.11
N GLY A 100 46.55 -4.01 -18.07
CA GLY A 100 47.75 -4.41 -17.36
C GLY A 100 47.59 -5.73 -16.64
N TYR A 101 46.34 -6.16 -16.51
CA TYR A 101 46.02 -7.41 -15.86
C TYR A 101 45.78 -8.48 -16.91
N LEU A 102 46.17 -8.15 -18.14
CA LEU A 102 46.03 -9.04 -19.29
C LEU A 102 47.32 -9.86 -19.47
N GLY A 103 48.08 -9.54 -20.52
CA GLY A 103 49.37 -10.15 -20.80
C GLY A 103 49.57 -11.64 -20.56
N GLU A 104 50.84 -12.01 -20.47
CA GLU A 104 51.26 -13.39 -20.25
C GLU A 104 52.76 -13.33 -19.95
N ARG A 105 53.19 -13.96 -18.86
CA ARG A 105 54.61 -13.97 -18.50
C ARG A 105 55.10 -12.60 -18.05
N THR A 106 54.15 -11.70 -17.81
CA THR A 106 54.48 -10.36 -17.37
C THR A 106 54.21 -10.27 -15.87
N GLN A 107 54.89 -9.36 -15.17
CA GLN A 107 54.57 -9.15 -13.77
C GLN A 107 53.18 -8.51 -13.89
N SER A 108 52.14 -9.20 -13.44
CA SER A 108 50.80 -8.66 -13.56
C SER A 108 50.56 -7.57 -12.54
N THR A 109 49.76 -6.59 -12.92
CA THR A 109 49.50 -5.46 -12.05
C THR A 109 48.24 -5.60 -11.22
N PRO A 110 48.45 -5.90 -9.94
CA PRO A 110 47.63 -6.19 -8.77
C PRO A 110 47.17 -4.97 -7.99
N GLY A 111 46.76 -5.24 -6.76
CA GLY A 111 46.19 -4.23 -5.89
C GLY A 111 44.85 -3.99 -6.55
N TYR A 112 43.81 -4.62 -6.03
CA TYR A 112 42.55 -4.44 -6.71
C TYR A 112 42.09 -2.98 -6.58
N ILE A 113 42.85 -2.25 -5.76
CA ILE A 113 42.70 -0.81 -5.59
C ILE A 113 43.14 -0.13 -6.88
N PHE A 114 42.20 0.38 -7.66
CA PHE A 114 42.58 1.08 -8.87
C PHE A 114 41.91 2.45 -8.95
N GLY A 115 42.72 3.49 -9.02
CA GLY A 115 42.24 4.87 -9.06
C GLY A 115 41.88 5.35 -7.68
N LYS A 116 42.86 5.34 -6.78
CA LYS A 116 42.61 5.72 -5.39
C LYS A 116 42.34 7.21 -5.26
N ARG A 117 43.14 8.01 -5.95
CA ARG A 117 43.02 9.45 -5.88
C ARG A 117 41.82 9.91 -6.67
N ILE A 118 41.64 9.30 -7.84
CA ILE A 118 40.55 9.65 -8.71
C ILE A 118 39.23 9.74 -7.94
N ILE A 119 38.84 8.64 -7.31
CA ILE A 119 37.60 8.62 -6.53
C ILE A 119 37.76 9.37 -5.22
N LEU A 120 39.01 9.55 -4.79
CA LEU A 120 39.26 10.28 -3.57
C LEU A 120 38.86 11.71 -3.87
N PHE A 121 39.31 12.17 -5.03
CA PHE A 121 39.01 13.51 -5.49
C PHE A 121 37.50 13.66 -5.61
N LEU A 122 36.89 12.81 -6.42
CA LEU A 122 35.44 12.84 -6.63
C LEU A 122 34.71 12.86 -5.30
N PHE A 123 35.28 12.18 -4.30
CA PHE A 123 34.67 12.10 -2.97
C PHE A 123 34.69 13.46 -2.32
N LEU A 124 35.84 14.13 -2.43
CA LEU A 124 36.00 15.45 -1.86
C LEU A 124 35.02 16.41 -2.51
N SER A 126 32.26 15.89 -3.58
CA SER A 126 30.96 15.62 -2.97
C SER A 126 30.96 16.17 -1.55
N VAL A 127 31.92 15.72 -0.75
CA VAL A 127 32.03 16.19 0.62
C VAL A 127 32.16 17.70 0.62
N ALA A 128 32.52 18.26 -0.54
CA ALA A 128 32.65 19.69 -0.71
C ALA A 128 31.28 20.34 -0.62
N GLY A 129 30.56 20.33 -1.73
CA GLY A 129 29.24 20.91 -1.82
C GLY A 129 28.35 20.47 -0.65
N ILE A 130 28.52 19.23 -0.23
CA ILE A 130 27.75 18.69 0.87
C ILE A 130 27.85 19.60 2.09
N PHE A 131 29.04 20.16 2.29
CA PHE A 131 29.30 21.06 3.41
C PHE A 131 28.91 22.50 3.06
N ASN A 132 29.41 22.98 1.93
CA ASN A 132 29.12 24.33 1.45
C ASN A 132 27.64 24.58 1.45
N TYR A 133 26.86 23.51 1.28
CA TYR A 133 25.41 23.62 1.26
C TYR A 133 24.92 23.97 2.66
N TYR A 134 25.49 23.32 3.66
CA TYR A 134 25.09 23.56 5.03
C TYR A 134 25.33 25.01 5.45
N LEU A 135 26.28 25.66 4.77
CA LEU A 135 26.59 27.07 5.03
C LEU A 135 25.48 27.93 4.44
N ILE A 136 25.30 27.82 3.13
CA ILE A 136 24.27 28.54 2.41
C ILE A 136 22.92 28.35 3.13
N PHE A 137 22.80 27.24 3.85
CA PHE A 137 21.58 26.91 4.59
C PHE A 137 21.48 27.75 5.84
N PHE A 138 22.62 27.95 6.47
CA PHE A 138 22.66 28.73 7.70
C PHE A 138 22.99 30.20 7.45
N PHE A 139 24.13 30.44 6.79
CA PHE A 139 24.61 31.79 6.55
C PHE A 139 24.24 32.39 5.19
N GLY A 140 22.95 32.43 4.88
CA GLY A 140 22.46 32.99 3.64
C GLY A 140 21.36 34.02 3.88
N ASP B 2 20.25 23.41 -7.29
CA ASP B 2 19.70 24.52 -6.51
C ASP B 2 19.60 24.15 -5.04
N GLN B 3 20.18 24.98 -4.19
CA GLN B 3 20.21 24.77 -2.75
C GLN B 3 18.98 24.10 -2.16
N GLU B 4 17.81 24.43 -2.71
CA GLU B 4 16.57 23.83 -2.23
C GLU B 4 16.64 22.32 -2.31
N THR B 5 16.60 21.80 -3.54
CA THR B 5 16.64 20.36 -3.78
C THR B 5 17.73 19.69 -2.99
N VAL B 6 18.94 20.23 -3.11
CA VAL B 6 20.11 19.71 -2.42
C VAL B 6 19.78 19.34 -0.97
N GLY B 7 18.79 20.02 -0.40
CA GLY B 7 18.35 19.76 0.95
C GLY B 7 17.67 18.40 1.05
N ASN B 8 16.64 18.21 0.24
CA ASN B 8 15.87 16.97 0.26
C ASN B 8 16.65 15.73 -0.20
N VAL B 9 17.97 15.77 -0.08
CA VAL B 9 18.80 14.65 -0.49
C VAL B 9 20.10 14.58 0.31
N VAL B 10 20.46 15.70 0.92
CA VAL B 10 21.69 15.81 1.68
C VAL B 10 22.02 14.55 2.46
N LEU B 11 21.10 14.14 3.33
CA LEU B 11 21.30 12.95 4.14
C LEU B 11 21.65 11.74 3.29
N LEU B 12 20.90 11.54 2.22
CA LEU B 12 21.14 10.41 1.32
C LEU B 12 22.54 10.52 0.75
N ALA B 13 22.96 11.74 0.44
CA ALA B 13 24.30 11.96 -0.10
C ALA B 13 25.28 11.54 0.98
N ILE B 14 25.07 12.10 2.17
CA ILE B 14 25.93 11.83 3.32
C ILE B 14 26.09 10.34 3.50
N VAL B 15 24.98 9.67 3.83
CA VAL B 15 25.01 8.23 4.04
C VAL B 15 25.69 7.51 2.88
N THR B 16 25.46 7.97 1.66
CA THR B 16 26.07 7.34 0.49
C THR B 16 27.57 7.51 0.49
N LEU B 17 28.01 8.72 0.82
CA LEU B 17 29.44 9.02 0.87
C LEU B 17 30.06 8.14 1.97
N ILE B 18 29.34 7.96 3.06
CA ILE B 18 29.83 7.11 4.14
C ILE B 18 30.09 5.72 3.60
N SER B 19 29.04 5.07 3.09
CA SER B 19 29.15 3.74 2.53
C SER B 19 30.26 3.71 1.50
N VAL B 20 30.42 4.81 0.76
CA VAL B 20 31.45 4.90 -0.25
C VAL B 20 32.81 4.77 0.39
N VAL B 21 32.95 5.36 1.58
CA VAL B 21 34.19 5.32 2.34
C VAL B 21 34.39 3.92 2.92
N GLN B 22 33.41 3.46 3.69
CA GLN B 22 33.46 2.13 4.27
C GLN B 22 33.71 1.13 3.15
N ASN B 23 33.08 1.37 2.01
CA ASN B 23 33.24 0.50 0.84
C ASN B 23 34.72 0.35 0.47
N GLY B 24 35.50 1.40 0.75
CA GLY B 24 36.92 1.40 0.45
C GLY B 24 37.68 0.58 1.47
N PHE B 25 37.34 0.77 2.74
CA PHE B 25 37.99 0.03 3.80
C PHE B 25 37.87 -1.46 3.52
N PHE B 26 36.66 -1.91 3.17
CA PHE B 26 36.45 -3.31 2.84
C PHE B 26 37.43 -3.72 1.75
N ALA B 27 37.54 -2.88 0.73
CA ALA B 27 38.42 -3.11 -0.40
C ALA B 27 39.87 -2.89 -0.02
N HIS B 28 40.07 -2.40 1.20
CA HIS B 28 41.42 -2.18 1.70
C HIS B 28 41.87 -3.40 2.49
N LYS B 29 41.00 -3.88 3.36
CA LYS B 29 41.32 -5.05 4.16
C LYS B 29 41.57 -6.25 3.25
N VAL B 30 41.16 -6.14 1.99
CA VAL B 30 41.38 -7.20 1.03
C VAL B 30 42.76 -7.09 0.42
N GLU B 31 43.22 -5.85 0.26
CA GLU B 31 44.53 -5.57 -0.29
C GLU B 31 45.60 -6.13 0.65
N HIS B 32 45.37 -5.96 1.95
CA HIS B 32 46.31 -6.43 2.97
C HIS B 32 46.64 -7.90 2.81
N GLU B 33 45.61 -8.72 2.71
CA GLU B 33 45.80 -10.16 2.57
C GLU B 33 46.46 -10.50 1.25
N SER B 34 46.12 -9.75 0.21
CA SER B 34 46.73 -9.99 -1.08
C SER B 34 48.21 -9.74 -0.88
N ARG B 35 48.53 -8.77 -0.02
CA ARG B 35 49.91 -8.40 0.27
C ARG B 35 50.66 -9.42 1.12
N THR B 36 50.04 -9.86 2.22
CA THR B 36 50.64 -10.80 3.16
C THR B 36 51.57 -11.87 2.60
N GLN B 37 51.58 -12.02 1.28
CA GLN B 37 52.49 -12.97 0.65
C GLN B 37 52.51 -13.00 -0.87
N ASN B 38 52.34 -14.20 -1.42
CA ASN B 38 52.40 -14.40 -2.87
C ASN B 38 51.66 -13.37 -3.71
N GLY B 39 50.69 -12.70 -3.10
CA GLY B 39 49.86 -11.67 -3.73
C GLY B 39 50.45 -10.98 -4.95
N ARG B 40 51.79 -10.97 -5.03
CA ARG B 40 52.52 -10.44 -6.17
C ARG B 40 51.82 -10.97 -7.42
N SER B 41 51.07 -10.09 -8.09
CA SER B 41 50.23 -10.43 -9.24
C SER B 41 48.87 -10.89 -8.72
N PHE B 42 48.34 -10.08 -7.81
CA PHE B 42 47.04 -10.29 -7.14
C PHE B 42 46.28 -11.60 -7.35
N GLN B 43 46.92 -12.69 -6.94
CA GLN B 43 46.32 -14.00 -7.08
C GLN B 43 45.14 -14.21 -6.15
N ARG B 44 44.04 -14.74 -6.71
CA ARG B 44 42.84 -14.99 -5.92
C ARG B 44 42.76 -16.45 -5.44
N THR B 45 43.37 -16.74 -4.28
CA THR B 45 43.35 -18.09 -3.73
C THR B 45 44.31 -18.36 -2.55
N GLY B 46 44.84 -17.31 -1.95
CA GLY B 46 45.79 -17.46 -0.85
C GLY B 46 45.32 -18.18 0.39
N THR B 47 44.06 -18.59 0.43
CA THR B 47 43.48 -19.29 1.58
C THR B 47 43.48 -18.49 2.89
N LEU B 48 42.55 -18.86 3.76
CA LEU B 48 42.40 -18.24 5.06
C LEU B 48 42.22 -16.73 4.99
N ALA B 49 42.96 -16.03 5.86
CA ALA B 49 42.90 -14.58 6.00
C ALA B 49 42.63 -13.82 4.70
N PHE B 50 42.95 -14.45 3.57
CA PHE B 50 42.72 -13.83 2.27
C PHE B 50 41.39 -14.30 1.71
N GLU B 51 41.17 -15.61 1.77
CA GLU B 51 39.95 -16.17 1.27
C GLU B 51 38.76 -15.69 2.10
N ARG B 52 38.92 -15.64 3.41
CA ARG B 52 37.85 -15.19 4.29
C ARG B 52 37.55 -13.73 4.04
N VAL B 53 38.59 -12.95 3.75
CA VAL B 53 38.41 -11.52 3.51
C VAL B 53 37.79 -11.24 2.15
N TYR B 54 38.39 -11.76 1.08
CA TYR B 54 37.87 -11.56 -0.26
C TYR B 54 36.40 -11.96 -0.29
N THR B 55 36.09 -13.07 0.37
CA THR B 55 34.72 -13.53 0.44
C THR B 55 33.85 -12.46 1.10
N ALA B 56 34.20 -12.08 2.33
CA ALA B 56 33.46 -11.07 3.08
C ALA B 56 33.21 -9.80 2.25
N ASN B 57 34.23 -9.35 1.55
CA ASN B 57 34.14 -8.15 0.73
C ASN B 57 33.30 -8.40 -0.53
N GLN B 58 33.64 -9.44 -1.27
CA GLN B 58 32.92 -9.76 -2.50
C GLN B 58 31.46 -10.12 -2.22
N ASN B 59 31.07 -10.02 -0.95
CA ASN B 59 29.71 -10.32 -0.53
C ASN B 59 28.95 -9.01 -0.37
N CYS B 60 29.67 -8.00 0.12
CA CYS B 60 29.10 -6.69 0.34
C CYS B 60 29.11 -5.91 -0.96
N VAL B 61 29.91 -6.38 -1.91
CA VAL B 61 29.97 -5.75 -3.22
C VAL B 61 28.73 -6.10 -4.01
N ASP B 62 28.19 -7.29 -3.75
CA ASP B 62 26.99 -7.79 -4.43
C ASP B 62 25.74 -7.18 -3.79
N ALA B 63 25.90 -6.59 -2.61
CA ALA B 63 24.79 -5.98 -1.90
C ALA B 63 24.64 -4.51 -2.29
N TYR B 64 25.74 -3.76 -2.19
CA TYR B 64 25.78 -2.33 -2.49
C TYR B 64 24.78 -1.83 -3.53
N PRO B 65 24.83 -2.38 -4.76
CA PRO B 65 23.88 -1.93 -5.80
C PRO B 65 22.43 -2.00 -5.33
N THR B 66 21.99 -3.23 -5.04
CA THR B 66 20.63 -3.48 -4.61
C THR B 66 20.27 -2.69 -3.36
N PHE B 67 21.26 -2.37 -2.56
CA PHE B 67 21.04 -1.58 -1.36
C PHE B 67 20.80 -0.13 -1.75
N LEU B 68 21.77 0.45 -2.46
CA LEU B 68 21.70 1.84 -2.91
C LEU B 68 20.37 2.08 -3.57
N ALA B 69 19.94 1.08 -4.35
CA ALA B 69 18.66 1.13 -5.02
C ALA B 69 17.57 1.57 -4.05
N VAL B 70 17.24 0.69 -3.10
CA VAL B 70 16.21 1.01 -2.13
C VAL B 70 16.54 2.29 -1.37
N LEU B 71 17.81 2.46 -1.01
CA LEU B 71 18.25 3.62 -0.26
C LEU B 71 17.72 4.92 -0.84
N TRP B 72 17.90 5.10 -2.15
CA TRP B 72 17.44 6.32 -2.80
C TRP B 72 15.98 6.30 -3.17
N SER B 73 15.55 5.24 -3.85
CA SER B 73 14.17 5.13 -4.25
C SER B 73 13.24 5.33 -3.03
N ALA B 74 13.65 4.84 -1.87
CA ALA B 74 12.84 4.99 -0.67
C ALA B 74 12.87 6.45 -0.21
N GLY B 75 14.07 7.00 -0.12
CA GLY B 75 14.25 8.38 0.32
C GLY B 75 13.67 9.44 -0.60
N LEU B 76 13.47 9.09 -1.87
CA LEU B 76 12.91 10.02 -2.85
C LEU B 76 11.41 9.84 -2.93
N LEU B 77 10.99 8.61 -3.22
CA LEU B 77 9.58 8.26 -3.32
C LEU B 77 8.78 8.59 -2.07
N CYS B 78 9.48 8.78 -0.94
CA CYS B 78 8.84 9.14 0.32
C CYS B 78 9.78 9.15 1.52
N SER B 79 9.70 10.20 2.32
CA SER B 79 10.46 10.30 3.58
C SER B 79 11.88 10.89 3.62
N GLN B 80 12.84 10.25 2.97
CA GLN B 80 14.22 10.73 3.00
C GLN B 80 14.91 10.51 4.35
N VAL B 81 14.55 11.31 5.34
CA VAL B 81 15.17 11.20 6.66
C VAL B 81 15.10 9.75 7.19
N PRO B 82 13.93 9.12 7.09
CA PRO B 82 13.80 7.74 7.54
C PRO B 82 14.69 6.87 6.68
N ALA B 83 14.52 6.99 5.37
CA ALA B 83 15.34 6.24 4.44
C ALA B 83 16.80 6.48 4.74
N ALA B 84 17.20 7.75 4.85
CA ALA B 84 18.58 8.11 5.13
C ALA B 84 19.15 7.40 6.37
N PHE B 85 18.35 7.31 7.43
CA PHE B 85 18.78 6.65 8.66
C PHE B 85 18.83 5.13 8.49
N ALA B 86 17.80 4.59 7.88
CA ALA B 86 17.74 3.15 7.64
C ALA B 86 19.01 2.73 6.93
N GLY B 87 19.42 3.53 5.94
CA GLY B 87 20.62 3.31 5.15
C GLY B 87 21.87 3.37 6.00
N LEU B 88 21.83 4.24 7.01
CA LEU B 88 22.94 4.38 7.95
C LEU B 88 23.02 3.08 8.75
N TYR B 90 22.11 0.26 7.99
CA TYR B 90 22.61 -0.76 7.08
C TYR B 90 24.14 -0.72 7.16
N LEU B 91 24.70 0.48 7.00
CA LEU B 91 26.14 0.63 7.03
C LEU B 91 26.77 -0.04 8.25
N PHE B 92 26.02 -0.02 9.36
CA PHE B 92 26.48 -0.64 10.61
C PHE B 92 26.37 -2.15 10.55
N VAL B 93 25.21 -2.65 10.16
CA VAL B 93 25.02 -4.08 10.03
C VAL B 93 26.07 -4.62 9.06
N ARG B 94 26.36 -3.83 8.03
CA ARG B 94 27.37 -4.22 7.05
C ARG B 94 28.71 -4.36 7.73
N GLN B 95 29.04 -3.37 8.56
CA GLN B 95 30.28 -3.39 9.30
C GLN B 95 30.35 -4.64 10.18
N LYS B 96 29.33 -4.83 11.01
CA LYS B 96 29.27 -5.98 11.89
C LYS B 96 29.38 -7.30 11.12
N TYR B 97 28.74 -7.34 9.96
CA TYR B 97 28.79 -8.52 9.11
C TYR B 97 30.21 -8.71 8.59
N PHE B 98 30.70 -7.72 7.85
CA PHE B 98 32.06 -7.77 7.30
C PHE B 98 33.07 -8.14 8.38
N VAL B 99 32.97 -7.47 9.52
CA VAL B 99 33.88 -7.73 10.63
C VAL B 99 33.72 -9.16 11.12
N GLY B 100 32.50 -9.55 11.43
CA GLY B 100 32.22 -10.89 11.90
C GLY B 100 32.73 -11.96 10.96
N TYR B 101 33.01 -11.58 9.72
CA TYR B 101 33.50 -12.51 8.71
C TYR B 101 35.01 -12.56 8.75
N LEU B 102 35.57 -12.26 9.92
CA LEU B 102 37.02 -12.25 10.08
C LEU B 102 37.65 -13.62 9.91
N GLY B 103 37.51 -14.47 10.92
CA GLY B 103 38.08 -15.80 10.88
C GLY B 103 38.18 -16.50 12.23
N GLU B 104 39.33 -17.13 12.48
CA GLU B 104 39.59 -17.86 13.72
C GLU B 104 38.74 -19.13 13.80
N ARG B 105 38.36 -19.65 12.63
CA ARG B 105 37.52 -20.82 12.54
C ARG B 105 36.05 -20.47 12.83
N THR B 106 35.27 -21.44 13.28
CA THR B 106 33.86 -21.23 13.59
C THR B 106 33.08 -20.68 12.40
N GLN B 107 31.84 -21.14 12.23
CA GLN B 107 30.98 -20.69 11.14
C GLN B 107 30.88 -19.16 11.19
N SER B 108 31.82 -18.49 10.51
CA SER B 108 31.88 -17.04 10.51
C SER B 108 30.87 -16.40 9.56
N THR B 109 29.86 -15.75 10.13
CA THR B 109 28.82 -15.06 9.38
C THR B 109 28.47 -15.73 8.07
N PRO B 110 28.32 -17.06 8.10
CA PRO B 110 28.02 -17.92 6.95
C PRO B 110 27.10 -17.26 5.92
N GLY B 111 26.19 -16.42 6.41
CA GLY B 111 25.22 -15.75 5.56
C GLY B 111 25.80 -14.95 4.41
N TYR B 112 25.23 -15.14 3.23
CA TYR B 112 25.64 -14.40 2.05
C TYR B 112 24.88 -13.08 2.14
N ILE B 113 23.65 -13.16 2.65
CA ILE B 113 22.81 -11.99 2.84
C ILE B 113 23.08 -11.41 4.22
N PHE B 114 22.31 -10.42 4.63
CA PHE B 114 22.51 -9.81 5.93
C PHE B 114 21.54 -8.71 6.30
N GLY B 115 21.55 -7.62 5.54
CA GLY B 115 20.67 -6.49 5.80
C GLY B 115 19.22 -6.92 5.97
N LYS B 116 18.73 -7.66 4.99
CA LYS B 116 17.36 -8.14 4.97
C LYS B 116 16.36 -7.08 5.39
N ARG B 117 15.89 -7.18 6.63
CA ARG B 117 14.90 -6.24 7.18
C ARG B 117 15.15 -4.80 6.76
N ILE B 118 16.40 -4.39 6.84
CA ILE B 118 16.76 -3.03 6.47
C ILE B 118 16.33 -2.67 5.05
N ILE B 119 16.72 -3.49 4.07
CA ILE B 119 16.32 -3.22 2.68
C ILE B 119 14.84 -3.53 2.45
N LEU B 120 14.31 -4.44 3.26
CA LEU B 120 12.91 -4.78 3.17
C LEU B 120 12.10 -3.53 3.49
N PHE B 121 12.53 -2.86 4.55
CA PHE B 121 11.89 -1.62 4.98
C PHE B 121 12.06 -0.56 3.89
N LEU B 122 13.29 -0.33 3.47
CA LEU B 122 13.57 0.65 2.41
C LEU B 122 12.71 0.40 1.18
N PHE B 123 12.49 -0.89 0.88
CA PHE B 123 11.69 -1.31 -0.26
C PHE B 123 10.24 -0.89 -0.07
N LEU B 124 9.74 -1.04 1.15
CA LEU B 124 8.37 -0.66 1.47
C LEU B 124 8.20 0.85 1.37
N SER B 126 9.65 2.72 -0.55
CA SER B 126 9.56 2.99 -1.99
C SER B 126 8.21 2.51 -2.53
N VAL B 127 7.82 1.29 -2.18
CA VAL B 127 6.53 0.75 -2.61
C VAL B 127 5.40 1.58 -1.99
N ALA B 128 5.78 2.43 -1.03
CA ALA B 128 4.83 3.29 -0.35
C ALA B 128 4.44 4.41 -1.27
N GLY B 129 5.30 5.43 -1.32
CA GLY B 129 5.09 6.59 -2.17
C GLY B 129 4.72 6.20 -3.59
N ILE B 130 5.34 5.14 -4.09
CA ILE B 130 5.06 4.66 -5.43
C ILE B 130 3.56 4.45 -5.63
N PHE B 131 2.91 4.02 -4.56
CA PHE B 131 1.47 3.77 -4.60
C PHE B 131 0.70 5.03 -4.23
N ASN B 132 1.08 5.64 -3.12
CA ASN B 132 0.43 6.87 -2.69
C ASN B 132 0.45 7.89 -3.82
N TYR B 133 1.42 7.77 -4.73
CA TYR B 133 1.51 8.68 -5.86
C TYR B 133 0.36 8.43 -6.81
N TYR B 134 0.12 7.16 -7.10
CA TYR B 134 -0.96 6.78 -7.99
C TYR B 134 -2.31 7.28 -7.51
N LEU B 135 -2.41 7.55 -6.21
CA LEU B 135 -3.64 8.10 -5.66
C LEU B 135 -3.69 9.59 -6.00
N ILE B 136 -2.70 10.34 -5.53
CA ILE B 136 -2.63 11.77 -5.81
C ILE B 136 -2.73 12.05 -7.30
N PHE B 137 -2.63 10.99 -8.09
CA PHE B 137 -2.70 11.09 -9.52
C PHE B 137 -4.16 11.00 -9.97
N PHE B 138 -4.92 10.10 -9.35
CA PHE B 138 -6.33 9.93 -9.69
C PHE B 138 -7.24 10.73 -8.77
N PHE B 139 -7.26 10.35 -7.50
CA PHE B 139 -8.10 11.01 -6.51
C PHE B 139 -7.45 12.29 -5.96
N GLY B 140 -6.16 12.46 -6.22
CA GLY B 140 -5.42 13.63 -5.80
C GLY B 140 -5.95 14.81 -6.58
N SER B 141 -6.24 14.55 -7.86
CA SER B 141 -6.85 15.53 -8.73
C SER B 141 -8.35 15.32 -8.58
N ASP B 142 -9.00 14.93 -9.67
CA ASP B 142 -10.43 14.68 -9.65
C ASP B 142 -11.10 15.84 -8.94
N PHE B 143 -11.33 15.63 -7.64
CA PHE B 143 -11.93 16.59 -6.71
C PHE B 143 -12.70 17.75 -7.36
N GLU B 144 -13.33 17.45 -8.50
CA GLU B 144 -14.06 18.45 -9.26
C GLU B 144 -14.98 19.33 -8.43
N ASN B 145 -14.56 20.58 -8.34
CA ASN B 145 -15.27 21.60 -7.59
C ASN B 145 -16.03 22.45 -8.61
N TYR B 146 -16.99 21.81 -9.29
CA TYR B 146 -17.78 22.50 -10.30
C TYR B 146 -18.52 23.68 -9.68
N ILE B 147 -17.76 24.61 -9.09
CA ILE B 147 -18.33 25.80 -8.46
C ILE B 147 -19.01 26.67 -9.53
N ALA B 148 -20.13 26.17 -10.03
CA ALA B 148 -20.91 26.85 -11.06
C ALA B 148 -21.67 28.01 -10.44
N ASP C 2 8.18 16.22 -6.07
CA ASP C 2 6.92 16.77 -6.59
C ASP C 2 6.16 15.80 -7.49
N GLN C 3 4.93 15.53 -7.11
CA GLN C 3 4.04 14.61 -7.81
C GLN C 3 4.24 14.60 -9.33
N GLU C 4 4.57 15.76 -9.88
CA GLU C 4 4.76 15.86 -11.31
C GLU C 4 5.91 14.97 -11.75
N THR C 5 7.13 15.35 -11.34
CA THR C 5 8.33 14.62 -11.69
C THR C 5 8.20 13.13 -11.41
N VAL C 6 7.71 12.81 -10.21
CA VAL C 6 7.52 11.44 -9.79
C VAL C 6 6.88 10.61 -10.91
N GLY C 7 6.03 11.27 -11.70
CA GLY C 7 5.36 10.63 -12.81
C GLY C 7 6.32 10.13 -13.87
N ASN C 8 7.12 11.04 -14.43
CA ASN C 8 8.06 10.70 -15.49
C ASN C 8 9.18 9.75 -15.06
N VAL C 9 8.91 8.94 -14.02
CA VAL C 9 9.93 8.03 -13.49
C VAL C 9 9.32 6.81 -12.82
N VAL C 10 8.05 6.93 -12.47
CA VAL C 10 7.34 5.87 -11.76
C VAL C 10 7.65 4.48 -12.30
N LEU C 11 7.51 4.32 -13.61
CA LEU C 11 7.81 3.02 -14.22
C LEU C 11 9.23 2.60 -13.91
N LEU C 12 10.16 3.52 -14.12
CA LEU C 12 11.56 3.21 -13.84
C LEU C 12 11.67 2.75 -12.39
N ALA C 13 11.07 3.50 -11.49
CA ALA C 13 11.07 3.11 -10.08
C ALA C 13 10.47 1.72 -9.93
N ILE C 14 9.29 1.53 -10.52
CA ILE C 14 8.62 0.24 -10.47
C ILE C 14 9.56 -0.86 -10.93
N VAL C 15 9.96 -0.80 -12.19
CA VAL C 15 10.85 -1.81 -12.75
C VAL C 15 12.08 -2.03 -11.88
N THR C 16 12.65 -0.94 -11.36
CA THR C 16 13.82 -1.04 -10.49
C THR C 16 13.48 -1.84 -9.24
N LEU C 17 12.36 -1.48 -8.61
CA LEU C 17 11.90 -2.15 -7.40
C LEU C 17 11.76 -3.64 -7.70
N ILE C 18 11.24 -3.94 -8.87
CA ILE C 18 11.09 -5.31 -9.30
C ILE C 18 12.45 -5.99 -9.27
N SER C 19 13.35 -5.52 -10.13
CA SER C 19 14.71 -6.07 -10.22
C SER C 19 15.32 -6.24 -8.82
N VAL C 20 15.07 -5.27 -7.96
CA VAL C 20 15.58 -5.29 -6.59
C VAL C 20 15.04 -6.50 -5.84
N VAL C 21 13.77 -6.80 -6.08
CA VAL C 21 13.14 -7.95 -5.44
C VAL C 21 13.72 -9.22 -6.02
N GLN C 22 13.68 -9.34 -7.34
CA GLN C 22 14.23 -10.49 -8.04
C GLN C 22 15.67 -10.67 -7.60
N ASN C 23 16.41 -9.58 -7.53
CA ASN C 23 17.82 -9.61 -7.10
C ASN C 23 17.97 -10.38 -5.81
N GLY C 24 17.01 -10.19 -4.89
CA GLY C 24 17.01 -10.86 -3.60
C GLY C 24 16.82 -12.35 -3.77
N PHE C 25 15.88 -12.72 -4.64
CA PHE C 25 15.63 -14.13 -4.92
C PHE C 25 16.95 -14.76 -5.37
N PHE C 26 17.65 -14.11 -6.28
CA PHE C 26 18.92 -14.65 -6.75
C PHE C 26 19.87 -14.94 -5.59
N ALA C 27 20.03 -13.96 -4.70
CA ALA C 27 20.90 -14.08 -3.54
C ALA C 27 20.30 -14.96 -2.46
N HIS C 28 19.10 -15.46 -2.73
CA HIS C 28 18.43 -16.33 -1.78
C HIS C 28 18.65 -17.78 -2.21
N LYS C 29 18.51 -18.04 -3.51
CA LYS C 29 18.72 -19.37 -4.05
C LYS C 29 20.18 -19.74 -3.87
N VAL C 30 20.98 -18.75 -3.49
CA VAL C 30 22.40 -18.95 -3.24
C VAL C 30 22.60 -19.33 -1.77
N GLU C 31 21.74 -18.79 -0.91
CA GLU C 31 21.80 -19.07 0.53
C GLU C 31 21.38 -20.51 0.79
N HIS C 32 20.45 -21.02 -0.01
CA HIS C 32 20.00 -22.40 0.15
C HIS C 32 21.13 -23.36 -0.07
N GLU C 33 21.92 -23.09 -1.10
CA GLU C 33 23.04 -23.96 -1.46
C GLU C 33 24.11 -24.03 -0.39
N SER C 34 24.50 -22.88 0.17
CA SER C 34 25.51 -22.89 1.20
C SER C 34 24.97 -23.54 2.47
N ARG C 35 23.65 -23.62 2.56
CA ARG C 35 22.95 -24.23 3.70
C ARG C 35 22.92 -25.75 3.53
N THR C 36 22.30 -26.20 2.45
CA THR C 36 22.23 -27.62 2.14
C THR C 36 23.66 -28.17 2.10
N GLN C 37 24.61 -27.30 1.75
CA GLN C 37 26.01 -27.67 1.72
C GLN C 37 26.44 -27.76 3.17
N ASN C 38 26.04 -28.86 3.79
CA ASN C 38 26.35 -29.11 5.18
C ASN C 38 27.83 -28.86 5.40
N GLY C 39 28.09 -27.87 6.23
CA GLY C 39 29.43 -27.43 6.56
C GLY C 39 29.30 -26.25 7.50
N ARG C 40 30.41 -25.56 7.76
CA ARG C 40 30.41 -24.42 8.66
C ARG C 40 30.10 -23.12 7.94
N SER C 41 31.18 -22.40 7.64
CA SER C 41 31.16 -21.10 7.01
C SER C 41 30.45 -20.96 5.66
N PHE C 42 31.13 -20.26 4.77
CA PHE C 42 30.64 -19.93 3.44
C PHE C 42 31.87 -19.77 2.56
N GLN C 43 31.97 -20.57 1.50
CA GLN C 43 33.14 -20.51 0.63
C GLN C 43 32.77 -20.54 -0.84
N ARG C 44 33.64 -19.99 -1.66
CA ARG C 44 33.40 -19.91 -3.09
C ARG C 44 33.31 -21.25 -3.83
N THR C 45 33.97 -22.29 -3.35
CA THR C 45 33.87 -23.57 -4.06
C THR C 45 33.36 -24.76 -3.27
N GLY C 46 32.08 -25.02 -3.45
CA GLY C 46 31.45 -26.12 -2.79
C GLY C 46 30.44 -26.82 -3.68
N THR C 47 30.51 -28.15 -3.67
CA THR C 47 29.52 -28.95 -4.37
C THR C 47 29.30 -28.62 -5.84
N LEU C 48 28.16 -29.04 -6.35
CA LEU C 48 27.85 -28.83 -7.76
C LEU C 48 26.75 -27.81 -7.97
N ALA C 49 25.65 -27.96 -7.25
CA ALA C 49 24.52 -27.05 -7.38
C ALA C 49 24.89 -25.69 -6.83
N PHE C 50 25.69 -25.70 -5.78
CA PHE C 50 26.12 -24.46 -5.13
C PHE C 50 27.06 -23.73 -6.06
N GLU C 51 28.04 -24.45 -6.59
CA GLU C 51 28.98 -23.86 -7.50
C GLU C 51 28.20 -23.21 -8.62
N ARG C 52 27.33 -23.99 -9.24
CA ARG C 52 26.51 -23.51 -10.34
C ARG C 52 25.60 -22.33 -9.96
N VAL C 53 25.07 -22.35 -8.74
CA VAL C 53 24.19 -21.28 -8.26
C VAL C 53 24.94 -19.98 -8.07
N TYR C 54 25.96 -20.01 -7.24
CA TYR C 54 26.77 -18.82 -6.97
C TYR C 54 27.25 -18.18 -8.28
N THR C 55 27.65 -19.02 -9.23
CA THR C 55 28.09 -18.52 -10.51
C THR C 55 26.94 -17.73 -11.13
N ALA C 56 25.83 -18.41 -11.37
CA ALA C 56 24.64 -17.81 -11.97
C ALA C 56 24.30 -16.47 -11.35
N ASN C 57 24.21 -16.45 -10.04
CA ASN C 57 23.88 -15.23 -9.35
C ASN C 57 25.01 -14.19 -9.46
N GLN C 58 26.24 -14.60 -9.18
CA GLN C 58 27.37 -13.67 -9.27
C GLN C 58 27.63 -13.18 -10.70
N ASN C 59 26.78 -13.60 -11.62
CA ASN C 59 26.89 -13.19 -13.02
C ASN C 59 25.92 -12.05 -13.26
N CYS C 60 24.80 -12.12 -12.55
CA CYS C 60 23.74 -11.13 -12.65
C CYS C 60 24.10 -9.97 -11.75
N VAL C 61 25.03 -10.20 -10.83
CA VAL C 61 25.47 -9.14 -9.95
C VAL C 61 26.34 -8.18 -10.73
N ASP C 62 27.10 -8.72 -11.68
CA ASP C 62 28.00 -7.92 -12.50
C ASP C 62 27.19 -7.17 -13.57
N ALA C 63 25.95 -7.62 -13.74
CA ALA C 63 25.04 -7.04 -14.72
C ALA C 63 24.39 -5.78 -14.19
N TYR C 64 23.50 -5.97 -13.23
CA TYR C 64 22.74 -4.90 -12.57
C TYR C 64 23.25 -3.47 -12.76
N PRO C 65 24.49 -3.19 -12.29
CA PRO C 65 25.04 -1.83 -12.45
C PRO C 65 24.95 -1.32 -13.88
N THR C 66 25.66 -1.99 -14.79
CA THR C 66 25.67 -1.59 -16.21
C THR C 66 24.27 -1.54 -16.79
N PHE C 67 23.38 -2.37 -16.26
CA PHE C 67 22.01 -2.41 -16.73
C PHE C 67 21.22 -1.22 -16.18
N LEU C 68 21.26 -1.06 -14.87
CA LEU C 68 20.58 0.05 -14.21
C LEU C 68 21.03 1.33 -14.87
N ALA C 69 22.30 1.35 -15.27
CA ALA C 69 22.87 2.50 -15.94
C ALA C 69 22.01 2.87 -17.14
N VAL C 70 21.97 1.99 -18.13
CA VAL C 70 21.18 2.27 -19.32
C VAL C 70 19.70 2.42 -18.99
N LEU C 71 19.19 1.57 -18.11
CA LEU C 71 17.78 1.61 -17.74
C LEU C 71 17.33 3.02 -17.47
N TRP C 72 18.06 3.71 -16.60
CA TRP C 72 17.70 5.06 -16.25
C TRP C 72 18.07 6.09 -17.29
N SER C 73 19.34 6.13 -17.66
CA SER C 73 19.82 7.09 -18.65
C SER C 73 18.95 7.05 -19.91
N ALA C 74 18.45 5.87 -20.24
CA ALA C 74 17.59 5.71 -21.40
C ALA C 74 16.21 6.28 -21.07
N GLY C 75 15.72 5.97 -19.87
CA GLY C 75 14.43 6.42 -19.40
C GLY C 75 14.35 7.92 -19.13
N LEU C 76 15.50 8.56 -18.96
CA LEU C 76 15.54 9.99 -18.69
C LEU C 76 15.84 10.80 -19.94
N LEU C 77 16.81 10.34 -20.73
CA LEU C 77 17.19 11.05 -21.93
C LEU C 77 16.27 10.83 -23.13
N CYS C 78 15.46 9.77 -23.08
CA CYS C 78 14.57 9.46 -24.19
C CYS C 78 13.42 8.53 -23.81
N SER C 79 12.24 9.11 -23.62
CA SER C 79 11.03 8.36 -23.24
C SER C 79 11.11 7.33 -22.11
N GLN C 80 10.39 7.58 -21.02
CA GLN C 80 10.41 6.69 -19.87
C GLN C 80 9.64 5.39 -20.05
N VAL C 81 8.57 5.41 -20.84
CA VAL C 81 7.79 4.19 -21.04
C VAL C 81 8.54 3.08 -21.76
N PRO C 82 9.18 3.42 -22.88
CA PRO C 82 9.96 2.44 -23.68
C PRO C 82 11.16 1.94 -22.90
N ALA C 83 11.77 2.84 -22.13
CA ALA C 83 12.92 2.49 -21.31
C ALA C 83 12.47 1.51 -20.22
N ALA C 84 11.38 1.89 -19.54
CA ALA C 84 10.84 1.09 -18.46
C ALA C 84 10.48 -0.31 -18.92
N PHE C 85 9.93 -0.42 -20.12
CA PHE C 85 9.53 -1.73 -20.63
C PHE C 85 10.75 -2.56 -20.96
N ALA C 86 11.74 -1.92 -21.58
CA ALA C 86 12.96 -2.59 -21.98
C ALA C 86 13.59 -3.26 -20.76
N GLY C 87 13.73 -2.49 -19.69
CA GLY C 87 14.29 -2.96 -18.43
C GLY C 87 13.44 -4.09 -17.90
N LEU C 88 12.14 -4.00 -18.12
CA LEU C 88 11.21 -5.04 -17.68
C LEU C 88 11.54 -6.33 -18.41
N TYR C 90 14.13 -7.11 -19.75
CA TYR C 90 15.44 -7.49 -19.26
C TYR C 90 15.33 -8.35 -18.01
N LEU C 91 14.47 -7.93 -17.09
CA LEU C 91 14.26 -8.66 -15.86
C LEU C 91 13.81 -10.09 -16.15
N PHE C 92 13.12 -10.25 -17.27
CA PHE C 92 12.61 -11.55 -17.68
C PHE C 92 13.73 -12.40 -18.25
N VAL C 93 14.50 -11.83 -19.17
CA VAL C 93 15.60 -12.56 -19.75
C VAL C 93 16.52 -13.03 -18.63
N ARG C 94 16.67 -12.17 -17.61
CA ARG C 94 17.50 -12.46 -16.45
C ARG C 94 16.98 -13.73 -15.78
N GLN C 95 15.69 -13.74 -15.48
CA GLN C 95 15.05 -14.89 -14.86
C GLN C 95 15.36 -16.16 -15.64
N LYS C 96 15.08 -16.13 -16.93
CA LYS C 96 15.31 -17.28 -17.79
C LYS C 96 16.75 -17.72 -17.77
N TYR C 97 17.67 -16.76 -17.78
CA TYR C 97 19.09 -17.08 -17.75
C TYR C 97 19.47 -17.69 -16.42
N PHE C 98 19.22 -16.96 -15.33
CA PHE C 98 19.53 -17.44 -14.01
C PHE C 98 18.95 -18.83 -13.77
N VAL C 99 17.71 -19.01 -14.17
CA VAL C 99 17.02 -20.29 -14.02
C VAL C 99 17.66 -21.37 -14.88
N GLY C 100 17.97 -21.03 -16.13
CA GLY C 100 18.58 -21.97 -17.05
C GLY C 100 20.00 -22.31 -16.66
N TYR C 101 20.56 -21.52 -15.76
CA TYR C 101 21.92 -21.76 -15.29
C TYR C 101 21.90 -22.75 -14.15
N LEU C 102 22.42 -23.94 -14.42
CA LEU C 102 22.54 -25.02 -13.43
C LEU C 102 21.31 -25.89 -13.25
N GLY C 103 20.17 -25.42 -13.76
CA GLY C 103 18.94 -26.18 -13.62
C GLY C 103 18.95 -27.42 -14.47
N GLU C 104 19.58 -27.33 -15.63
CA GLU C 104 19.61 -28.44 -16.56
C GLU C 104 20.95 -29.12 -16.76
N ARG C 105 22.04 -28.43 -16.40
CA ARG C 105 23.39 -28.94 -16.64
C ARG C 105 23.45 -29.51 -18.07
N THR C 106 22.99 -28.69 -19.03
CA THR C 106 22.90 -29.07 -20.44
C THR C 106 23.79 -28.22 -21.34
N GLN C 107 23.93 -28.63 -22.61
CA GLN C 107 24.77 -27.92 -23.56
C GLN C 107 24.16 -26.89 -24.53
N SER C 108 23.38 -25.97 -23.96
CA SER C 108 22.87 -24.79 -24.62
C SER C 108 23.37 -23.87 -23.52
N THR C 109 22.59 -22.84 -23.17
CA THR C 109 22.72 -21.96 -21.98
C THR C 109 23.93 -21.18 -21.38
N PRO C 110 24.98 -21.86 -20.81
CA PRO C 110 25.93 -20.98 -20.10
C PRO C 110 26.52 -19.75 -20.78
N GLY C 111 27.02 -18.85 -19.95
CA GLY C 111 27.63 -17.61 -20.43
C GLY C 111 27.57 -16.49 -19.41
N TYR C 112 28.37 -15.45 -19.65
CA TYR C 112 28.39 -14.29 -18.76
C TYR C 112 27.94 -13.09 -19.56
N ILE C 113 26.91 -13.28 -20.37
CA ILE C 113 26.43 -12.19 -21.19
C ILE C 113 25.03 -11.75 -20.86
N PHE C 114 24.10 -12.70 -20.84
CA PHE C 114 22.68 -12.42 -20.67
C PHE C 114 22.22 -11.38 -21.71
N GLY C 115 21.09 -10.70 -21.46
CA GLY C 115 20.55 -9.73 -22.40
C GLY C 115 21.56 -8.78 -22.99
N LYS C 116 21.73 -8.83 -24.31
CA LYS C 116 22.72 -7.99 -24.98
C LYS C 116 21.99 -6.91 -25.77
N ARG C 117 20.98 -7.29 -26.52
CA ARG C 117 20.26 -6.34 -27.33
C ARG C 117 19.37 -5.51 -26.44
N ILE C 118 19.03 -6.05 -25.29
CA ILE C 118 18.17 -5.34 -24.36
C ILE C 118 18.90 -4.11 -23.83
N ILE C 119 20.18 -4.26 -23.49
CA ILE C 119 20.93 -3.11 -22.99
C ILE C 119 21.45 -2.27 -24.16
N LEU C 120 21.64 -2.91 -25.30
CA LEU C 120 22.10 -2.20 -26.47
C LEU C 120 21.07 -1.15 -26.84
N PHE C 121 19.82 -1.56 -26.81
CA PHE C 121 18.70 -0.70 -27.13
C PHE C 121 18.63 0.43 -26.12
N LEU C 122 18.65 0.07 -24.84
CA LEU C 122 18.62 1.03 -23.75
C LEU C 122 19.72 2.05 -23.96
N PHE C 123 20.88 1.57 -24.40
CA PHE C 123 22.02 2.43 -24.66
C PHE C 123 21.70 3.41 -25.76
N LEU C 124 21.13 2.89 -26.85
CA LEU C 124 20.76 3.73 -27.98
C LEU C 124 19.80 4.81 -27.56
N SER C 126 19.59 6.25 -24.89
CA SER C 126 20.38 7.24 -24.17
C SER C 126 21.20 8.06 -25.17
N VAL C 127 21.88 7.34 -26.05
CA VAL C 127 22.69 7.97 -27.09
C VAL C 127 21.78 8.71 -28.04
N ALA C 128 20.49 8.50 -27.85
CA ALA C 128 19.49 9.17 -28.66
C ALA C 128 19.32 10.57 -28.12
N GLY C 129 18.54 10.68 -27.05
CA GLY C 129 18.28 11.96 -26.42
C GLY C 129 19.55 12.74 -26.19
N ILE C 130 20.63 12.02 -25.87
CA ILE C 130 21.92 12.65 -25.64
C ILE C 130 22.38 13.50 -26.82
N PHE C 131 21.98 13.08 -28.02
CA PHE C 131 22.33 13.77 -29.25
C PHE C 131 21.26 14.78 -29.64
N ASN C 132 20.00 14.32 -29.65
CA ASN C 132 18.90 15.19 -30.00
C ASN C 132 18.94 16.42 -29.10
N TYR C 133 19.59 16.28 -27.94
CA TYR C 133 19.72 17.40 -27.03
C TYR C 133 20.61 18.42 -27.69
N TYR C 134 21.75 17.99 -28.20
CA TYR C 134 22.66 18.91 -28.83
C TYR C 134 22.01 19.70 -29.95
N LEU C 135 20.88 19.21 -30.44
CA LEU C 135 20.13 19.92 -31.45
C LEU C 135 19.33 21.02 -30.75
N ILE C 136 18.63 20.64 -29.69
CA ILE C 136 17.84 21.60 -28.93
C ILE C 136 18.75 22.63 -28.30
N PHE C 137 19.99 22.23 -28.02
CA PHE C 137 20.97 23.11 -27.42
C PHE C 137 21.46 24.09 -28.47
N PHE C 138 21.81 23.56 -29.63
CA PHE C 138 22.33 24.40 -30.69
C PHE C 138 21.26 25.00 -31.59
N PHE C 139 20.53 24.12 -32.28
CA PHE C 139 19.54 24.56 -33.25
C PHE C 139 18.16 24.83 -32.68
N GLY C 140 17.81 24.10 -31.63
CA GLY C 140 16.50 24.21 -31.00
C GLY C 140 16.02 25.63 -30.74
N SER C 141 16.95 26.58 -30.85
CA SER C 141 16.62 27.97 -30.61
C SER C 141 16.81 28.81 -31.87
N ASP C 142 17.00 28.14 -33.00
CA ASP C 142 17.23 28.85 -34.23
C ASP C 142 15.99 29.04 -35.08
N PHE C 143 15.60 30.30 -35.23
CA PHE C 143 14.49 30.66 -36.08
C PHE C 143 14.81 31.98 -36.77
N GLU C 144 14.45 32.06 -38.04
CA GLU C 144 14.75 33.23 -38.85
C GLU C 144 13.63 34.20 -39.15
N ASN C 145 13.05 34.71 -38.07
CA ASN C 145 12.04 35.75 -38.11
C ASN C 145 12.86 37.01 -37.87
N TYR C 146 14.18 36.80 -37.84
CA TYR C 146 15.15 37.86 -37.63
C TYR C 146 15.56 38.41 -38.98
N ILE C 147 15.19 37.69 -40.04
CA ILE C 147 15.44 38.15 -41.40
C ILE C 147 14.31 39.14 -41.69
N ALA C 148 13.41 39.26 -40.71
CA ALA C 148 12.27 40.18 -40.79
C ALA C 148 12.79 41.61 -40.90
N THR C 149 12.60 42.22 -42.06
CA THR C 149 13.07 43.58 -42.31
C THR C 149 11.90 44.53 -42.58
N ASP D 2 -3.72 8.01 17.10
CA ASP D 2 -2.42 7.58 17.65
C ASP D 2 -2.13 6.10 17.45
N GLN D 3 -0.99 5.82 16.84
CA GLN D 3 -0.55 4.45 16.53
C GLN D 3 -0.95 3.38 17.54
N GLU D 4 -1.01 3.78 18.81
CA GLU D 4 -1.37 2.84 19.85
C GLU D 4 -2.80 2.36 19.64
N THR D 5 -3.74 3.27 19.85
CA THR D 5 -5.16 2.99 19.71
C THR D 5 -5.46 2.25 18.41
N VAL D 6 -4.93 2.77 17.31
CA VAL D 6 -5.13 2.17 16.01
C VAL D 6 -4.92 0.67 16.09
N GLY D 7 -4.08 0.25 17.02
CA GLY D 7 -3.77 -1.15 17.23
C GLY D 7 -4.94 -1.97 17.72
N ASN D 8 -5.52 -1.52 18.82
CA ASN D 8 -6.65 -2.21 19.44
C ASN D 8 -7.95 -2.07 18.65
N VAL D 9 -7.84 -1.88 17.33
CA VAL D 9 -9.02 -1.77 16.49
C VAL D 9 -8.73 -2.25 15.08
N VAL D 10 -7.45 -2.31 14.75
CA VAL D 10 -7.06 -2.72 13.41
C VAL D 10 -7.82 -3.90 12.86
N LEU D 11 -7.92 -4.96 13.65
CA LEU D 11 -8.63 -6.15 13.20
C LEU D 11 -10.06 -5.79 12.80
N LEU D 12 -10.74 -5.06 13.66
CA LEU D 12 -12.11 -4.67 13.38
C LEU D 12 -12.18 -3.88 12.07
N ALA D 13 -11.27 -2.92 11.91
CA ALA D 13 -11.24 -2.13 10.68
C ALA D 13 -11.07 -3.05 9.50
N ILE D 14 -10.06 -3.91 9.58
CA ILE D 14 -9.78 -4.88 8.53
C ILE D 14 -11.06 -5.62 8.16
N VAL D 15 -11.57 -6.40 9.10
CA VAL D 15 -12.78 -7.17 8.87
C VAL D 15 -13.89 -6.28 8.33
N THR D 16 -14.01 -5.08 8.90
CA THR D 16 -15.04 -4.15 8.43
C THR D 16 -14.83 -3.83 6.95
N LEU D 17 -13.59 -3.51 6.59
CA LEU D 17 -13.23 -3.17 5.22
C LEU D 17 -13.56 -4.33 4.31
N ILE D 18 -13.44 -5.53 4.87
CA ILE D 18 -13.74 -6.74 4.14
C ILE D 18 -15.21 -6.73 3.81
N SER D 19 -16.04 -6.69 4.84
CA SER D 19 -17.49 -6.66 4.67
C SER D 19 -17.90 -5.57 3.68
N VAL D 20 -17.24 -4.41 3.76
CA VAL D 20 -17.54 -3.29 2.86
C VAL D 20 -17.33 -3.70 1.42
N VAL D 21 -16.26 -4.46 1.19
CA VAL D 21 -15.93 -4.92 -0.15
C VAL D 21 -16.96 -5.95 -0.59
N GLN D 22 -17.11 -6.98 0.22
CA GLN D 22 -18.07 -8.04 -0.05
C GLN D 22 -19.44 -7.40 -0.28
N ASN D 23 -19.76 -6.42 0.57
CA ASN D 23 -21.03 -5.70 0.48
C ASN D 23 -21.24 -5.21 -0.95
N GLY D 24 -20.18 -4.67 -1.54
CA GLY D 24 -20.23 -4.15 -2.90
C GLY D 24 -20.52 -5.26 -3.88
N PHE D 25 -19.89 -6.42 -3.66
CA PHE D 25 -20.08 -7.57 -4.53
C PHE D 25 -21.57 -7.89 -4.57
N PHE D 26 -22.18 -7.95 -3.40
CA PHE D 26 -23.61 -8.23 -3.32
C PHE D 26 -24.39 -7.25 -4.19
N ALA D 27 -24.14 -5.96 -3.99
CA ALA D 27 -24.83 -4.91 -4.74
C ALA D 27 -24.45 -4.94 -6.20
N HIS D 28 -23.46 -5.77 -6.52
CA HIS D 28 -22.98 -5.88 -7.89
C HIS D 28 -23.71 -7.00 -8.61
N LYS D 29 -23.83 -8.15 -7.95
CA LYS D 29 -24.53 -9.27 -8.52
C LYS D 29 -25.98 -8.87 -8.73
N VAL D 30 -26.35 -7.74 -8.14
CA VAL D 30 -27.69 -7.19 -8.25
C VAL D 30 -27.81 -6.33 -9.52
N GLU D 31 -26.73 -5.63 -9.84
CA GLU D 31 -26.68 -4.78 -11.02
C GLU D 31 -26.74 -5.62 -12.29
N HIS D 32 -26.15 -6.82 -12.21
CA HIS D 32 -26.11 -7.75 -13.32
C HIS D 32 -27.50 -8.13 -13.81
N GLU D 33 -28.37 -8.46 -12.87
CA GLU D 33 -29.74 -8.86 -13.18
C GLU D 33 -30.60 -7.69 -13.67
N SER D 34 -30.35 -6.49 -13.16
CA SER D 34 -31.11 -5.31 -13.58
C SER D 34 -30.70 -4.97 -15.00
N ARG D 35 -29.57 -5.50 -15.42
CA ARG D 35 -29.03 -5.28 -16.76
C ARG D 35 -29.68 -6.20 -17.80
N THR D 36 -29.61 -7.51 -17.54
CA THR D 36 -30.23 -8.50 -18.43
C THR D 36 -31.73 -8.23 -18.54
N GLN D 37 -32.25 -7.45 -17.59
CA GLN D 37 -33.66 -7.07 -17.58
C GLN D 37 -33.82 -5.71 -18.27
N ASN D 38 -32.79 -5.32 -19.02
CA ASN D 38 -32.78 -4.05 -19.75
C ASN D 38 -32.54 -2.82 -18.88
N GLY D 39 -31.84 -1.84 -19.46
CA GLY D 39 -31.50 -0.60 -18.79
C GLY D 39 -32.55 0.50 -18.89
N ARG D 40 -33.74 0.24 -18.33
CA ARG D 40 -34.82 1.22 -18.29
C ARG D 40 -34.90 1.66 -16.84
N SER D 41 -33.78 2.19 -16.36
CA SER D 41 -33.61 2.58 -14.95
C SER D 41 -33.35 1.30 -14.16
N PHE D 42 -34.16 1.07 -13.12
CA PHE D 42 -34.05 -0.14 -12.31
C PHE D 42 -35.41 -0.82 -12.34
N GLN D 43 -35.57 -1.80 -11.46
CA GLN D 43 -36.82 -2.53 -11.37
C GLN D 43 -36.92 -3.21 -10.00
N ARG D 44 -38.15 -3.38 -9.52
CA ARG D 44 -38.39 -4.03 -8.24
C ARG D 44 -38.54 -5.53 -8.52
N THR D 45 -39.46 -5.88 -9.43
CA THR D 45 -39.71 -7.27 -9.81
C THR D 45 -39.24 -7.54 -11.24
N GLY D 46 -39.35 -8.79 -11.67
CA GLY D 46 -38.97 -9.21 -12.99
C GLY D 46 -38.35 -10.60 -13.01
N THR D 47 -37.18 -10.71 -13.63
CA THR D 47 -36.45 -11.98 -13.73
C THR D 47 -36.43 -12.68 -12.38
N LEU D 48 -36.68 -13.98 -12.37
CA LEU D 48 -36.67 -14.74 -11.13
C LEU D 48 -35.27 -14.78 -10.54
N ALA D 49 -34.27 -14.65 -11.40
CA ALA D 49 -32.88 -14.63 -10.97
C ALA D 49 -32.55 -13.24 -10.47
N PHE D 50 -33.33 -12.26 -10.90
CA PHE D 50 -33.17 -10.88 -10.47
C PHE D 50 -33.93 -10.72 -9.16
N GLU D 51 -35.12 -11.31 -9.10
CA GLU D 51 -35.93 -11.25 -7.89
C GLU D 51 -35.21 -11.98 -6.74
N ARG D 52 -34.63 -13.13 -7.04
CA ARG D 52 -33.91 -13.92 -6.06
C ARG D 52 -32.66 -13.16 -5.59
N VAL D 53 -32.03 -12.45 -6.51
CA VAL D 53 -30.84 -11.68 -6.19
C VAL D 53 -31.18 -10.51 -5.29
N TYR D 54 -32.02 -9.61 -5.79
CA TYR D 54 -32.40 -8.42 -5.03
C TYR D 54 -32.83 -8.80 -3.63
N THR D 55 -33.56 -9.90 -3.55
CA THR D 55 -34.02 -10.38 -2.27
C THR D 55 -32.80 -10.73 -1.43
N ALA D 56 -31.96 -11.63 -1.95
CA ALA D 56 -30.76 -12.06 -1.25
C ALA D 56 -29.96 -10.88 -0.74
N ASN D 57 -29.69 -9.94 -1.64
CA ASN D 57 -28.93 -8.76 -1.27
C ASN D 57 -29.67 -7.89 -0.27
N GLN D 58 -30.91 -7.51 -0.59
CA GLN D 58 -31.70 -6.66 0.31
C GLN D 58 -31.97 -7.33 1.66
N ASN D 59 -31.39 -8.51 1.86
CA ASN D 59 -31.56 -9.23 3.11
C ASN D 59 -30.31 -9.06 3.97
N CYS D 60 -29.18 -8.94 3.31
CA CYS D 60 -27.92 -8.76 4.00
C CYS D 60 -27.77 -7.28 4.30
N VAL D 61 -28.57 -6.48 3.61
CA VAL D 61 -28.54 -5.04 3.80
C VAL D 61 -29.20 -4.70 5.13
N ASP D 62 -30.19 -5.50 5.51
CA ASP D 62 -30.90 -5.29 6.76
C ASP D 62 -30.10 -5.84 7.93
N ALA D 63 -29.11 -6.66 7.63
CA ALA D 63 -28.28 -7.28 8.65
C ALA D 63 -27.10 -6.41 9.03
N TYR D 64 -26.31 -6.04 8.03
CA TYR D 64 -25.12 -5.22 8.21
C TYR D 64 -25.09 -4.26 9.42
N PRO D 65 -26.10 -3.37 9.55
CA PRO D 65 -26.14 -2.44 10.68
C PRO D 65 -26.13 -3.17 12.04
N THR D 66 -27.11 -4.03 12.26
CA THR D 66 -27.20 -4.81 13.49
C THR D 66 -25.95 -5.65 13.69
N PHE D 67 -25.33 -6.04 12.59
CA PHE D 67 -24.12 -6.84 12.68
C PHE D 67 -22.97 -5.94 13.08
N LEU D 68 -22.75 -4.87 12.32
CA LEU D 68 -21.68 -3.94 12.60
C LEU D 68 -21.75 -3.51 14.04
N ALA D 69 -22.97 -3.40 14.56
CA ALA D 69 -23.18 -2.98 15.93
C ALA D 69 -22.44 -3.88 16.94
N VAL D 70 -22.82 -5.15 16.99
CA VAL D 70 -22.20 -6.09 17.90
C VAL D 70 -20.71 -6.27 17.58
N LEU D 71 -20.38 -6.28 16.29
CA LEU D 71 -19.00 -6.46 15.86
C LEU D 71 -18.08 -5.49 16.59
N TRP D 72 -18.46 -4.22 16.61
CA TRP D 72 -17.61 -3.23 17.25
C TRP D 72 -17.80 -3.15 18.75
N SER D 73 -19.05 -3.08 19.18
CA SER D 73 -19.33 -3.00 20.60
C SER D 73 -18.69 -4.20 21.32
N ALA D 74 -18.65 -5.34 20.65
CA ALA D 74 -18.05 -6.54 21.23
C ALA D 74 -16.54 -6.42 21.27
N GLY D 75 -15.95 -5.99 20.14
CA GLY D 75 -14.51 -5.83 20.01
C GLY D 75 -13.94 -4.67 20.81
N LEU D 76 -14.81 -3.80 21.30
CA LEU D 76 -14.40 -2.65 22.10
C LEU D 76 -14.60 -2.91 23.59
N LEU D 77 -15.84 -3.23 23.94
CA LEU D 77 -16.20 -3.49 25.32
C LEU D 77 -15.56 -4.77 25.89
N CYS D 78 -15.18 -5.69 25.01
CA CYS D 78 -14.57 -6.93 25.45
C CYS D 78 -13.24 -7.27 24.81
N SER D 79 -13.21 -8.32 24.00
CA SER D 79 -11.97 -8.75 23.35
C SER D 79 -11.90 -8.38 21.88
N GLN D 80 -10.91 -7.58 21.51
CA GLN D 80 -10.78 -7.13 20.13
C GLN D 80 -10.58 -8.22 19.08
N VAL D 81 -9.75 -9.20 19.37
CA VAL D 81 -9.48 -10.24 18.40
C VAL D 81 -10.63 -11.23 18.23
N PRO D 82 -11.15 -11.73 19.35
CA PRO D 82 -12.28 -12.67 19.22
C PRO D 82 -13.45 -12.02 18.48
N ALA D 83 -13.69 -10.76 18.76
CA ALA D 83 -14.77 -10.05 18.10
C ALA D 83 -14.43 -10.02 16.62
N ALA D 84 -13.23 -9.55 16.32
CA ALA D 84 -12.79 -9.47 14.93
C ALA D 84 -12.99 -10.80 14.21
N PHE D 85 -12.56 -11.88 14.83
CA PHE D 85 -12.70 -13.19 14.21
C PHE D 85 -14.15 -13.57 13.97
N ALA D 86 -14.96 -13.44 15.01
CA ALA D 86 -16.38 -13.75 14.94
C ALA D 86 -16.97 -13.04 13.73
N GLY D 87 -16.68 -11.75 13.64
CA GLY D 87 -17.14 -10.92 12.54
C GLY D 87 -16.66 -11.50 11.23
N LEU D 88 -15.44 -12.03 11.24
CA LEU D 88 -14.88 -12.64 10.05
C LEU D 88 -15.72 -13.85 9.69
N TYR D 90 -18.76 -14.35 10.38
CA TYR D 90 -20.00 -13.78 9.86
C TYR D 90 -19.89 -13.58 8.36
N LEU D 91 -18.89 -12.81 7.95
CA LEU D 91 -18.67 -12.51 6.55
C LEU D 91 -18.74 -13.77 5.69
N PHE D 92 -18.30 -14.89 6.25
CA PHE D 92 -18.31 -16.14 5.52
C PHE D 92 -19.70 -16.73 5.43
N VAL D 93 -20.41 -16.75 6.56
CA VAL D 93 -21.77 -17.28 6.56
C VAL D 93 -22.63 -16.43 5.65
N ARG D 94 -22.34 -15.14 5.61
CA ARG D 94 -23.04 -14.18 4.76
C ARG D 94 -22.90 -14.67 3.34
N GLN D 95 -21.64 -14.86 2.93
CA GLN D 95 -21.32 -15.36 1.60
C GLN D 95 -22.14 -16.60 1.31
N LYS D 96 -21.96 -17.63 2.14
CA LYS D 96 -22.66 -18.89 1.96
C LYS D 96 -24.15 -18.69 1.85
N TYR D 97 -24.69 -17.75 2.63
CA TYR D 97 -26.10 -17.45 2.57
C TYR D 97 -26.43 -16.75 1.26
N PHE D 98 -25.78 -15.63 1.01
CA PHE D 98 -26.00 -14.89 -0.23
C PHE D 98 -25.88 -15.78 -1.46
N VAL D 99 -24.83 -16.59 -1.49
CA VAL D 99 -24.58 -17.50 -2.60
C VAL D 99 -25.67 -18.56 -2.70
N GLY D 100 -26.03 -19.14 -1.56
CA GLY D 100 -27.06 -20.14 -1.49
C GLY D 100 -28.42 -19.56 -1.83
N TYR D 101 -28.50 -18.23 -1.84
CA TYR D 101 -29.75 -17.54 -2.16
C TYR D 101 -29.94 -17.39 -3.66
N LEU D 102 -29.20 -18.18 -4.41
CA LEU D 102 -29.34 -18.21 -5.85
C LEU D 102 -29.55 -19.67 -6.23
N GLY D 103 -28.50 -20.44 -5.98
CA GLY D 103 -28.49 -21.84 -6.36
C GLY D 103 -28.75 -21.74 -7.83
N GLU D 104 -29.98 -22.06 -8.21
CA GLU D 104 -30.46 -21.92 -9.57
C GLU D 104 -31.97 -21.95 -9.47
N ARG D 105 -32.58 -23.06 -9.86
CA ARG D 105 -34.02 -23.20 -9.76
C ARG D 105 -34.39 -24.16 -8.64
N THR D 106 -33.40 -24.91 -8.16
CA THR D 106 -33.57 -25.99 -7.20
C THR D 106 -34.86 -26.00 -6.36
N GLN D 107 -35.38 -24.80 -6.07
CA GLN D 107 -36.61 -24.67 -5.31
C GLN D 107 -36.42 -24.96 -3.82
N SER D 108 -35.34 -24.41 -3.30
CA SER D 108 -35.00 -24.54 -1.89
C SER D 108 -34.71 -23.10 -1.48
N THR D 109 -33.43 -22.82 -1.27
CA THR D 109 -32.94 -21.47 -1.01
C THR D 109 -33.74 -20.61 -0.01
N PRO D 110 -33.64 -20.93 1.29
CA PRO D 110 -34.34 -20.06 2.25
C PRO D 110 -33.40 -18.99 2.76
N GLY D 111 -33.90 -18.08 3.59
CA GLY D 111 -33.10 -17.00 4.13
C GLY D 111 -33.71 -16.02 5.13
N TYR D 112 -33.13 -14.83 5.18
CA TYR D 112 -33.52 -13.77 6.10
C TYR D 112 -33.01 -14.02 7.50
N ILE D 113 -33.14 -15.27 7.96
CA ILE D 113 -32.66 -15.63 9.28
C ILE D 113 -31.21 -15.16 9.43
N PHE D 114 -30.35 -15.66 8.54
CA PHE D 114 -28.94 -15.29 8.53
C PHE D 114 -28.15 -15.96 9.63
N GLY D 115 -26.93 -15.49 9.83
CA GLY D 115 -26.06 -16.01 10.87
C GLY D 115 -26.62 -15.58 12.21
N LYS D 116 -26.97 -16.55 13.05
CA LYS D 116 -27.58 -16.21 14.32
C LYS D 116 -26.57 -16.12 15.46
N ARG D 117 -26.19 -17.27 15.99
CA ARG D 117 -25.26 -17.32 17.10
C ARG D 117 -24.09 -16.37 16.93
N ILE D 118 -23.71 -16.13 15.69
CA ILE D 118 -22.58 -15.24 15.41
C ILE D 118 -22.76 -13.86 16.05
N ILE D 119 -23.94 -13.27 15.88
CA ILE D 119 -24.20 -11.97 16.47
C ILE D 119 -24.60 -12.18 17.92
N LEU D 120 -25.17 -13.33 18.21
CA LEU D 120 -25.57 -13.60 19.58
C LEU D 120 -24.32 -13.58 20.44
N PHE D 121 -23.28 -14.21 19.93
CA PHE D 121 -22.00 -14.28 20.64
C PHE D 121 -21.40 -12.89 20.75
N LEU D 122 -21.39 -12.19 19.62
CA LEU D 122 -20.86 -10.84 19.57
C LEU D 122 -21.64 -9.97 20.55
N PHE D 123 -22.90 -10.31 20.76
CA PHE D 123 -23.75 -9.57 21.67
C PHE D 123 -23.27 -9.83 23.10
N LEU D 124 -23.08 -11.11 23.40
CA LEU D 124 -22.62 -11.50 24.73
C LEU D 124 -21.29 -10.83 25.07
N SER D 126 -20.30 -8.05 24.20
CA SER D 126 -20.59 -6.66 24.53
C SER D 126 -21.23 -6.61 25.91
N VAL D 127 -22.23 -7.46 26.11
CA VAL D 127 -22.93 -7.56 27.38
C VAL D 127 -21.96 -8.01 28.46
N ALA D 128 -20.83 -8.55 28.04
CA ALA D 128 -19.80 -9.03 28.98
C ALA D 128 -19.11 -7.84 29.58
N GLY D 129 -18.20 -7.24 28.81
CA GLY D 129 -17.46 -6.08 29.26
C GLY D 129 -18.39 -5.02 29.83
N ILE D 130 -19.53 -4.83 29.18
CA ILE D 130 -20.52 -3.85 29.63
C ILE D 130 -20.85 -4.06 31.10
N PHE D 131 -20.81 -5.31 31.53
CA PHE D 131 -21.08 -5.64 32.91
C PHE D 131 -19.81 -5.57 33.70
N ASN D 132 -18.80 -6.32 33.26
CA ASN D 132 -17.52 -6.37 33.93
C ASN D 132 -17.02 -4.96 34.24
N TYR D 133 -17.39 -4.01 33.40
CA TYR D 133 -17.00 -2.62 33.63
C TYR D 133 -17.65 -2.14 34.90
N TYR D 134 -18.96 -2.32 34.99
CA TYR D 134 -19.68 -1.88 36.16
C TYR D 134 -19.04 -2.41 37.44
N LEU D 135 -18.30 -3.51 37.33
CA LEU D 135 -17.59 -4.10 38.47
C LEU D 135 -16.40 -3.23 38.80
N ILE D 136 -15.49 -3.12 37.84
CA ILE D 136 -14.30 -2.29 37.98
C ILE D 136 -14.68 -0.87 38.37
N PHE D 137 -15.95 -0.54 38.20
CA PHE D 137 -16.43 0.79 38.57
C PHE D 137 -16.70 0.84 40.06
N PHE D 138 -17.32 -0.22 40.59
CA PHE D 138 -17.65 -0.30 42.00
C PHE D 138 -16.55 -0.97 42.81
N PHE D 139 -16.35 -2.26 42.57
CA PHE D 139 -15.34 -3.03 43.30
C PHE D 139 -13.99 -2.91 42.63
N GLY D 140 -13.95 -2.21 41.50
CA GLY D 140 -12.72 -1.98 40.78
C GLY D 140 -11.81 -1.24 41.73
N SER D 141 -12.37 -0.19 42.35
CA SER D 141 -11.67 0.59 43.37
C SER D 141 -11.88 -0.22 44.64
N ASP D 142 -11.27 0.17 45.75
CA ASP D 142 -11.44 -0.57 47.00
C ASP D 142 -10.78 -1.95 46.93
N PHE D 143 -10.72 -2.49 45.72
CA PHE D 143 -10.09 -3.78 45.41
C PHE D 143 -8.81 -4.00 46.23
N GLU D 144 -8.14 -2.90 46.59
CA GLU D 144 -6.90 -2.96 47.36
C GLU D 144 -7.16 -2.88 48.86
N ASN D 145 -7.81 -3.92 49.38
CA ASN D 145 -8.13 -4.00 50.81
C ASN D 145 -6.90 -4.53 51.56
N TYR D 146 -5.74 -4.02 51.16
CA TYR D 146 -4.48 -4.45 51.73
C TYR D 146 -3.99 -3.44 52.76
N ILE D 147 -4.92 -2.75 53.41
CA ILE D 147 -4.57 -1.78 54.45
C ILE D 147 -3.83 -2.43 55.61
N ALA D 148 -4.15 -3.70 55.85
CA ALA D 148 -3.55 -4.45 56.96
C ALA D 148 -2.01 -4.30 56.97
N ASP E 2 -10.08 1.99 27.87
CA ASP E 2 -9.78 2.37 29.25
C ASP E 2 -11.04 2.70 30.02
N GLN E 3 -11.20 2.04 31.17
CA GLN E 3 -12.36 2.20 32.04
C GLN E 3 -12.97 3.59 32.04
N GLU E 4 -12.12 4.61 32.00
CA GLU E 4 -12.61 5.99 32.00
C GLU E 4 -13.59 6.20 30.85
N THR E 5 -13.05 6.23 29.64
CA THR E 5 -13.86 6.45 28.44
C THR E 5 -15.11 5.60 28.41
N VAL E 6 -14.93 4.32 28.68
CA VAL E 6 -16.03 3.37 28.69
C VAL E 6 -17.25 3.94 29.39
N GLY E 7 -17.01 4.79 30.37
CA GLY E 7 -18.10 5.42 31.12
C GLY E 7 -18.90 6.38 30.25
N ASN E 8 -18.21 7.36 29.68
CA ASN E 8 -18.85 8.36 28.85
C ASN E 8 -19.46 7.77 27.57
N VAL E 9 -19.82 6.49 27.62
CA VAL E 9 -20.42 5.87 26.44
C VAL E 9 -21.28 4.68 26.81
N VAL E 10 -21.09 4.17 28.02
CA VAL E 10 -21.84 3.01 28.49
C VAL E 10 -23.31 3.06 28.13
N LEU E 11 -23.98 4.13 28.54
CA LEU E 11 -25.39 4.30 28.23
C LEU E 11 -25.62 4.13 26.73
N LEU E 12 -24.80 4.79 25.92
CA LEU E 12 -24.94 4.67 24.48
C LEU E 12 -24.77 3.22 24.04
N ALA E 13 -23.84 2.51 24.69
CA ALA E 13 -23.62 1.12 24.37
C ALA E 13 -24.88 0.32 24.70
N ILE E 14 -25.34 0.49 25.93
CA ILE E 14 -26.52 -0.19 26.44
C ILE E 14 -27.70 -0.03 25.49
N VAL E 15 -28.15 1.21 25.31
CA VAL E 15 -29.27 1.51 24.44
C VAL E 15 -29.06 0.87 23.07
N THR E 16 -27.85 1.00 22.53
CA THR E 16 -27.51 0.42 21.24
C THR E 16 -27.72 -1.09 21.21
N LEU E 17 -27.28 -1.76 22.27
CA LEU E 17 -27.41 -3.20 22.39
C LEU E 17 -28.89 -3.55 22.47
N ILE E 18 -29.66 -2.65 23.07
CA ILE E 18 -31.10 -2.84 23.18
C ILE E 18 -31.68 -2.86 21.78
N SER E 19 -31.51 -1.76 21.07
CA SER E 19 -32.02 -1.64 19.70
C SER E 19 -31.55 -2.82 18.85
N VAL E 20 -30.37 -3.35 19.19
CA VAL E 20 -29.81 -4.49 18.47
C VAL E 20 -30.63 -5.74 18.75
N VAL E 21 -31.10 -5.86 19.99
CA VAL E 21 -31.92 -7.00 20.39
C VAL E 21 -33.32 -6.86 19.81
N GLN E 22 -33.89 -5.69 19.98
CA GLN E 22 -35.21 -5.42 19.43
C GLN E 22 -35.10 -5.65 17.94
N ASN E 23 -34.03 -5.11 17.35
CA ASN E 23 -33.78 -5.25 15.92
C ASN E 23 -33.95 -6.68 15.45
N GLY E 24 -33.58 -7.63 16.31
CA GLY E 24 -33.69 -9.04 16.00
C GLY E 24 -35.15 -9.49 16.08
N PHE E 25 -35.84 -9.00 17.11
CA PHE E 25 -37.25 -9.34 17.27
C PHE E 25 -38.00 -8.98 16.00
N PHE E 26 -37.81 -7.76 15.51
CA PHE E 26 -38.46 -7.32 14.29
C PHE E 26 -38.20 -8.34 13.17
N ALA E 27 -36.92 -8.58 12.90
CA ALA E 27 -36.52 -9.54 11.88
C ALA E 27 -36.98 -10.94 12.21
N HIS E 28 -37.46 -11.14 13.44
CA HIS E 28 -37.93 -12.44 13.83
C HIS E 28 -39.40 -12.57 13.47
N LYS E 29 -40.18 -11.57 13.85
CA LYS E 29 -41.59 -11.55 13.55
C LYS E 29 -41.80 -11.65 12.05
N VAL E 30 -40.72 -11.42 11.30
CA VAL E 30 -40.76 -11.50 9.84
C VAL E 30 -40.55 -12.93 9.41
N GLU E 31 -39.74 -13.66 10.18
CA GLU E 31 -39.47 -15.05 9.86
C GLU E 31 -40.74 -15.87 10.04
N HIS E 32 -41.53 -15.52 11.05
CA HIS E 32 -42.77 -16.22 11.34
C HIS E 32 -43.73 -16.26 10.15
N GLU E 33 -43.94 -15.11 9.53
CA GLU E 33 -44.84 -15.00 8.40
C GLU E 33 -44.35 -15.71 7.15
N SER E 34 -43.03 -15.74 6.95
CA SER E 34 -42.47 -16.43 5.81
C SER E 34 -42.51 -17.93 6.05
N ARG E 35 -42.77 -18.29 7.30
CA ARG E 35 -42.86 -19.70 7.70
C ARG E 35 -44.27 -20.23 7.42
N THR E 36 -45.28 -19.48 7.84
CA THR E 36 -46.67 -19.86 7.62
C THR E 36 -46.93 -20.09 6.12
N GLN E 37 -46.00 -19.60 5.29
CA GLN E 37 -46.08 -19.78 3.84
C GLN E 37 -45.82 -21.25 3.50
N ASN E 38 -44.68 -21.76 3.98
CA ASN E 38 -44.29 -23.16 3.82
C ASN E 38 -43.75 -23.47 2.42
N GLY E 39 -43.13 -22.48 1.77
CA GLY E 39 -42.56 -22.66 0.43
C GLY E 39 -41.03 -22.58 0.40
N ARG E 40 -40.44 -22.52 1.59
CA ARG E 40 -38.99 -22.48 1.74
C ARG E 40 -38.14 -21.44 1.01
N SER E 41 -38.78 -20.51 0.31
CA SER E 41 -38.04 -19.44 -0.36
C SER E 41 -38.78 -18.12 -0.20
N PHE E 42 -38.21 -17.23 0.61
CA PHE E 42 -38.81 -15.94 0.94
C PHE E 42 -38.83 -14.96 -0.21
N GLN E 43 -40.01 -14.42 -0.49
CA GLN E 43 -40.16 -13.42 -1.53
C GLN E 43 -40.76 -12.21 -0.85
N ARG E 44 -40.53 -11.04 -1.43
CA ARG E 44 -41.07 -9.80 -0.87
C ARG E 44 -42.59 -9.76 -0.88
N THR E 45 -43.23 -10.80 -1.44
CA THR E 45 -44.68 -10.82 -1.61
C THR E 45 -45.39 -11.95 -0.90
N GLY E 46 -46.70 -11.80 -0.74
CA GLY E 46 -47.51 -12.82 -0.09
C GLY E 46 -48.61 -12.36 0.82
N THR E 47 -49.01 -13.26 1.72
CA THR E 47 -50.07 -13.00 2.68
C THR E 47 -49.95 -11.62 3.30
N LEU E 48 -51.07 -10.93 3.46
CA LEU E 48 -51.07 -9.59 4.04
C LEU E 48 -50.30 -9.50 5.36
N ALA E 49 -50.60 -10.40 6.29
CA ALA E 49 -49.93 -10.41 7.59
C ALA E 49 -48.42 -10.43 7.39
N PHE E 50 -47.97 -11.11 6.33
CA PHE E 50 -46.56 -11.22 6.01
C PHE E 50 -46.13 -9.96 5.28
N GLU E 51 -46.99 -9.48 4.39
CA GLU E 51 -46.73 -8.26 3.64
C GLU E 51 -46.63 -7.09 4.62
N ARG E 52 -47.55 -7.06 5.58
CA ARG E 52 -47.60 -6.00 6.59
C ARG E 52 -46.38 -6.05 7.51
N VAL E 53 -45.94 -7.27 7.84
CA VAL E 53 -44.79 -7.46 8.72
C VAL E 53 -43.51 -6.98 8.03
N TYR E 54 -43.19 -7.59 6.89
CA TYR E 54 -41.99 -7.23 6.14
C TYR E 54 -41.86 -5.73 5.94
N THR E 55 -42.97 -5.10 5.57
CA THR E 55 -42.98 -3.67 5.34
C THR E 55 -42.61 -2.95 6.63
N ALA E 56 -43.35 -3.26 7.70
CA ALA E 56 -43.13 -2.67 9.01
C ALA E 56 -41.66 -2.76 9.39
N ASN E 57 -41.11 -3.96 9.28
CA ASN E 57 -39.71 -4.20 9.61
C ASN E 57 -38.73 -3.55 8.63
N GLN E 58 -39.01 -3.68 7.34
CA GLN E 58 -38.17 -3.07 6.30
C GLN E 58 -38.33 -1.56 6.31
N ASN E 59 -39.10 -1.06 7.27
CA ASN E 59 -39.31 0.37 7.41
C ASN E 59 -38.40 0.90 8.50
N CYS E 60 -38.21 0.09 9.54
CA CYS E 60 -37.35 0.45 10.66
C CYS E 60 -35.91 0.14 10.29
N VAL E 61 -35.74 -0.76 9.35
CA VAL E 61 -34.41 -1.10 8.91
C VAL E 61 -33.80 0.11 8.24
N ASP E 62 -34.63 0.87 7.54
CA ASP E 62 -34.16 2.06 6.85
C ASP E 62 -33.92 3.19 7.84
N ALA E 63 -34.41 3.02 9.07
CA ALA E 63 -34.28 4.04 10.09
C ALA E 63 -33.02 3.93 10.93
N TYR E 64 -32.79 2.72 11.45
CA TYR E 64 -31.63 2.42 12.29
C TYR E 64 -30.37 3.24 12.00
N PRO E 65 -29.82 3.13 10.79
CA PRO E 65 -28.60 3.87 10.43
C PRO E 65 -28.67 5.34 10.80
N THR E 66 -29.59 6.07 10.17
CA THR E 66 -29.78 7.50 10.41
C THR E 66 -30.05 7.78 11.89
N PHE E 67 -30.58 6.79 12.58
CA PHE E 67 -30.88 6.91 14.01
C PHE E 67 -29.61 6.81 14.82
N LEU E 68 -28.96 5.66 14.71
CA LEU E 68 -27.72 5.40 15.43
C LEU E 68 -26.82 6.60 15.18
N ALA E 69 -26.93 7.13 13.97
CA ALA E 69 -26.15 8.29 13.57
C ALA E 69 -26.27 9.40 14.61
N VAL E 70 -27.45 10.02 14.71
CA VAL E 70 -27.64 11.08 15.67
C VAL E 70 -27.44 10.59 17.11
N LEU E 71 -27.85 9.35 17.38
CA LEU E 71 -27.75 8.78 18.73
C LEU E 71 -26.37 9.01 19.32
N TRP E 72 -25.36 8.55 18.60
CA TRP E 72 -24.01 8.69 19.08
C TRP E 72 -23.48 10.09 18.92
N SER E 73 -23.54 10.60 17.69
CA SER E 73 -23.04 11.95 17.41
C SER E 73 -23.57 12.94 18.44
N ALA E 74 -24.82 12.76 18.85
CA ALA E 74 -25.42 13.62 19.85
C ALA E 74 -24.87 13.29 21.24
N GLY E 75 -24.75 11.99 21.54
CA GLY E 75 -24.24 11.54 22.82
C GLY E 75 -22.73 11.74 22.95
N LEU E 76 -22.10 12.17 21.87
CA LEU E 76 -20.66 12.39 21.92
C LEU E 76 -20.38 13.88 21.88
N LEU E 77 -20.83 14.50 20.79
CA LEU E 77 -20.62 15.93 20.60
C LEU E 77 -21.26 16.78 21.69
N CYS E 78 -22.36 16.29 22.26
CA CYS E 78 -23.05 17.05 23.30
C CYS E 78 -22.87 16.43 24.68
N SER E 79 -23.92 15.74 25.15
CA SER E 79 -23.91 15.09 26.44
C SER E 79 -23.76 13.59 26.23
N GLN E 80 -24.64 12.82 26.87
CA GLN E 80 -24.66 11.37 26.73
C GLN E 80 -25.92 10.86 27.39
N VAL E 81 -26.07 11.19 28.67
CA VAL E 81 -27.24 10.78 29.41
C VAL E 81 -28.54 11.19 28.70
N PRO E 82 -28.54 12.40 28.10
CA PRO E 82 -29.71 12.87 27.36
C PRO E 82 -29.85 12.12 26.04
N ALA E 83 -28.76 12.11 25.27
CA ALA E 83 -28.76 11.42 23.99
C ALA E 83 -29.17 9.97 24.24
N ALA E 84 -28.54 9.35 25.23
CA ALA E 84 -28.82 7.95 25.58
C ALA E 84 -30.29 7.72 25.85
N PHE E 85 -30.90 8.63 26.61
CA PHE E 85 -32.32 8.51 26.93
C PHE E 85 -33.20 8.71 25.72
N ALA E 86 -32.95 9.80 24.99
CA ALA E 86 -33.71 10.08 23.78
C ALA E 86 -33.72 8.84 22.91
N GLY E 87 -32.56 8.21 22.76
CA GLY E 87 -32.39 6.99 21.97
C GLY E 87 -33.23 5.87 22.53
N LEU E 88 -33.38 5.86 23.85
CA LEU E 88 -34.19 4.87 24.52
C LEU E 88 -35.67 5.12 24.18
N TYR E 90 -36.78 6.56 21.58
CA TYR E 90 -36.92 6.18 20.19
C TYR E 90 -37.22 4.70 20.11
N LEU E 91 -36.42 3.89 20.81
CA LEU E 91 -36.63 2.45 20.81
C LEU E 91 -38.08 2.10 21.13
N PHE E 92 -38.71 2.90 22.00
CA PHE E 92 -40.09 2.67 22.39
C PHE E 92 -41.06 3.05 21.28
N VAL E 93 -40.88 4.24 20.73
CA VAL E 93 -41.73 4.71 19.64
C VAL E 93 -41.65 3.71 18.50
N ARG E 94 -40.47 3.14 18.31
CA ARG E 94 -40.22 2.15 17.28
C ARG E 94 -41.07 0.93 17.55
N GLN E 95 -41.10 0.53 18.82
CA GLN E 95 -41.88 -0.62 19.26
C GLN E 95 -43.37 -0.40 19.01
N LYS E 96 -43.88 0.72 19.52
CA LYS E 96 -45.29 1.08 19.36
C LYS E 96 -45.63 1.15 17.87
N TYR E 97 -44.70 1.67 17.10
CA TYR E 97 -44.88 1.79 15.67
C TYR E 97 -44.92 0.43 14.98
N PHE E 98 -43.82 -0.33 15.09
CA PHE E 98 -43.75 -1.66 14.50
C PHE E 98 -44.94 -2.49 14.93
N VAL E 99 -45.33 -2.35 16.20
CA VAL E 99 -46.44 -3.10 16.74
C VAL E 99 -47.76 -2.68 16.09
N GLY E 100 -48.00 -1.37 16.03
CA GLY E 100 -49.21 -0.84 15.43
C GLY E 100 -49.28 -1.04 13.93
N TYR E 101 -48.22 -1.63 13.39
CA TYR E 101 -48.14 -1.89 11.96
C TYR E 101 -48.37 -3.37 11.72
N LEU E 102 -47.89 -4.20 12.65
CA LEU E 102 -48.02 -5.64 12.54
C LEU E 102 -49.30 -6.06 13.25
N GLY E 103 -49.93 -5.12 13.97
CA GLY E 103 -51.19 -5.36 14.68
C GLY E 103 -52.43 -4.94 13.91
N GLU E 104 -52.20 -4.43 12.70
CA GLU E 104 -53.19 -4.01 11.71
C GLU E 104 -54.64 -3.62 12.03
N ARG E 105 -55.10 -2.62 11.28
CA ARG E 105 -56.46 -2.12 11.26
C ARG E 105 -56.91 -2.51 9.85
N THR E 106 -56.06 -3.29 9.19
CA THR E 106 -56.21 -3.73 7.81
C THR E 106 -55.52 -2.85 6.76
N GLN E 107 -56.04 -1.64 6.54
CA GLN E 107 -55.45 -0.73 5.57
C GLN E 107 -55.13 0.63 6.19
N SER E 108 -53.85 0.94 6.28
CA SER E 108 -53.38 2.19 6.87
C SER E 108 -52.00 2.69 6.40
N THR E 109 -51.78 4.00 6.59
CA THR E 109 -50.50 4.64 6.24
C THR E 109 -49.98 5.49 7.39
N PRO E 110 -49.04 4.93 8.16
CA PRO E 110 -48.23 5.49 9.25
C PRO E 110 -46.82 5.26 8.77
N GLY E 111 -46.73 4.32 7.82
CA GLY E 111 -45.51 3.89 7.15
C GLY E 111 -44.45 4.97 6.97
N TYR E 112 -43.20 4.52 6.94
CA TYR E 112 -42.07 5.40 6.73
C TYR E 112 -42.15 6.65 7.58
N ILE E 113 -41.20 6.75 8.53
CA ILE E 113 -41.09 7.86 9.46
C ILE E 113 -41.73 7.62 10.81
N PHE E 114 -40.88 7.64 11.84
CA PHE E 114 -41.26 7.45 13.22
C PHE E 114 -40.89 8.76 13.87
N GLY E 115 -41.68 9.20 14.83
CA GLY E 115 -41.48 10.43 15.58
C GLY E 115 -40.14 11.11 15.36
N LYS E 116 -40.05 11.78 14.21
CA LYS E 116 -38.84 12.46 13.79
C LYS E 116 -38.27 13.37 14.87
N ARG E 117 -39.17 13.96 15.66
CA ARG E 117 -38.77 14.85 16.75
C ARG E 117 -37.62 14.24 17.54
N ILE E 118 -37.73 12.94 17.81
CA ILE E 118 -36.71 12.23 18.57
C ILE E 118 -35.32 12.40 17.94
N ILE E 119 -35.22 12.10 16.65
CA ILE E 119 -33.95 12.23 15.92
C ILE E 119 -33.68 13.70 15.62
N LEU E 120 -34.74 14.49 15.61
CA LEU E 120 -34.61 15.92 15.37
C LEU E 120 -33.84 16.49 16.57
N PHE E 121 -34.24 16.05 17.76
CA PHE E 121 -33.61 16.48 18.99
C PHE E 121 -32.17 15.99 19.01
N LEU E 122 -32.00 14.70 18.79
CA LEU E 122 -30.67 14.11 18.74
C LEU E 122 -29.81 14.87 17.75
N PHE E 123 -30.41 15.30 16.65
CA PHE E 123 -29.69 16.05 15.63
C PHE E 123 -29.20 17.37 16.20
N LEU E 124 -30.09 18.03 16.92
CA LEU E 124 -29.76 19.32 17.52
C LEU E 124 -28.63 19.14 18.50
N SER E 126 -26.27 17.15 18.44
CA SER E 126 -25.03 17.05 17.67
C SER E 126 -24.67 18.41 17.10
N VAL E 127 -25.65 19.04 16.43
CA VAL E 127 -25.43 20.36 15.85
C VAL E 127 -25.11 21.35 16.97
N ALA E 128 -25.32 20.90 18.20
CA ALA E 128 -25.06 21.72 19.38
C ALA E 128 -23.56 21.81 19.60
N GLY E 129 -23.02 20.77 20.23
CA GLY E 129 -21.60 20.71 20.52
C GLY E 129 -20.79 21.01 19.28
N ILE E 130 -21.28 20.55 18.14
CA ILE E 130 -20.59 20.76 16.87
C ILE E 130 -20.27 22.24 16.69
N PHE E 131 -21.17 23.08 17.16
CA PHE E 131 -21.00 24.52 17.04
C PHE E 131 -20.25 25.05 18.25
N ASN E 132 -20.73 24.68 19.43
CA ASN E 132 -20.12 25.12 20.69
C ASN E 132 -18.64 24.82 20.66
N TYR E 133 -18.27 23.78 19.93
CA TYR E 133 -16.87 23.41 19.79
C TYR E 133 -16.12 24.49 19.04
N TYR E 134 -16.72 24.98 17.96
CA TYR E 134 -16.09 26.02 17.16
C TYR E 134 -15.82 27.29 17.97
N LEU E 135 -16.57 27.45 19.05
CA LEU E 135 -16.41 28.59 19.94
C LEU E 135 -15.17 28.38 20.81
N ILE E 136 -15.20 27.28 21.56
CA ILE E 136 -14.09 26.89 22.43
C ILE E 136 -12.79 26.86 21.61
N PHE E 137 -12.93 26.70 20.31
CA PHE E 137 -11.77 26.64 19.41
C PHE E 137 -11.25 28.06 19.16
N PHE E 138 -12.18 29.00 19.02
CA PHE E 138 -11.81 30.39 18.76
C PHE E 138 -11.70 31.22 20.03
N PHE E 139 -12.77 31.24 20.82
CA PHE E 139 -12.81 32.08 22.00
C PHE E 139 -12.46 31.38 23.31
N GLY E 140 -11.31 30.72 23.35
CA GLY E 140 -10.86 30.03 24.54
C GLY E 140 -9.45 30.44 24.95
N ASP F 2 -13.18 15.33 24.78
CA ASP F 2 -12.19 16.37 25.00
C ASP F 2 -11.98 17.20 23.75
N GLN F 3 -12.13 18.52 23.90
CA GLN F 3 -11.99 19.47 22.80
C GLN F 3 -10.97 19.10 21.74
N GLU F 4 -9.82 18.58 22.19
CA GLU F 4 -8.77 18.19 21.25
C GLU F 4 -9.32 17.22 20.21
N THR F 5 -9.64 16.01 20.67
CA THR F 5 -10.16 14.93 19.82
C THR F 5 -11.31 15.41 18.95
N VAL F 6 -12.25 16.12 19.59
CA VAL F 6 -13.41 16.65 18.91
C VAL F 6 -13.03 17.30 17.59
N GLY F 7 -11.85 17.91 17.55
CA GLY F 7 -11.36 18.57 16.35
C GLY F 7 -11.05 17.60 15.23
N ASN F 8 -10.24 16.59 15.53
CA ASN F 8 -9.85 15.59 14.53
C ASN F 8 -11.02 14.68 14.12
N VAL F 9 -12.24 15.22 14.17
CA VAL F 9 -13.43 14.45 13.79
C VAL F 9 -14.54 15.37 13.32
N VAL F 10 -14.49 16.62 13.77
CA VAL F 10 -15.51 17.62 13.47
C VAL F 10 -16.07 17.53 12.07
N LEU F 11 -15.18 17.58 11.08
CA LEU F 11 -15.61 17.50 9.69
C LEU F 11 -16.41 16.25 9.44
N LEU F 12 -15.92 15.14 9.95
CA LEU F 12 -16.63 13.89 9.79
C LEU F 12 -18.04 14.03 10.38
N ALA F 13 -18.11 14.56 11.60
CA ALA F 13 -19.39 14.76 12.27
C ALA F 13 -20.30 15.58 11.38
N ILE F 14 -19.82 16.75 11.00
CA ILE F 14 -20.56 17.66 10.16
C ILE F 14 -21.13 16.91 8.96
N VAL F 15 -20.24 16.43 8.10
CA VAL F 15 -20.63 15.70 6.91
C VAL F 15 -21.64 14.61 7.24
N THR F 16 -21.41 13.90 8.34
CA THR F 16 -22.34 12.85 8.74
C THR F 16 -23.69 13.45 9.07
N LEU F 17 -23.67 14.60 9.74
CA LEU F 17 -24.90 15.29 10.11
C LEU F 17 -25.64 15.70 8.84
N ILE F 18 -24.86 16.12 7.85
CA ILE F 18 -25.42 16.52 6.56
C ILE F 18 -26.18 15.34 5.93
N SER F 19 -25.45 14.25 5.67
CA SER F 19 -26.05 13.06 5.10
C SER F 19 -27.26 12.62 5.91
N VAL F 20 -27.24 12.91 7.21
CA VAL F 20 -28.35 12.55 8.08
C VAL F 20 -29.57 13.40 7.73
N VAL F 21 -29.34 14.70 7.54
CA VAL F 21 -30.42 15.59 7.18
C VAL F 21 -30.96 15.22 5.79
N GLN F 22 -30.06 15.15 4.82
CA GLN F 22 -30.43 14.76 3.46
C GLN F 22 -31.13 13.40 3.51
N ASN F 23 -30.66 12.53 4.39
CA ASN F 23 -31.25 11.20 4.54
C ASN F 23 -32.72 11.32 4.88
N GLY F 24 -33.08 12.42 5.55
CA GLY F 24 -34.45 12.67 5.93
C GLY F 24 -35.31 13.06 4.74
N PHE F 25 -34.78 13.96 3.93
CA PHE F 25 -35.46 14.43 2.72
C PHE F 25 -35.78 13.23 1.85
N PHE F 26 -34.80 12.36 1.62
CA PHE F 26 -35.02 11.16 0.82
C PHE F 26 -36.24 10.41 1.35
N ALA F 27 -36.32 10.30 2.67
CA ALA F 27 -37.42 9.58 3.32
C ALA F 27 -38.63 10.50 3.33
N HIS F 28 -38.40 11.78 3.06
CA HIS F 28 -39.48 12.77 3.00
C HIS F 28 -40.29 12.71 1.69
N LYS F 29 -39.55 12.56 0.58
CA LYS F 29 -40.15 12.45 -0.73
C LYS F 29 -40.93 11.14 -0.83
N VAL F 30 -40.50 10.13 -0.09
CA VAL F 30 -41.18 8.84 -0.13
C VAL F 30 -42.49 8.94 0.61
N GLU F 31 -42.59 9.88 1.54
CA GLU F 31 -43.82 10.09 2.28
C GLU F 31 -44.88 10.78 1.39
N HIS F 32 -44.43 11.73 0.60
CA HIS F 32 -45.32 12.49 -0.30
C HIS F 32 -46.11 11.58 -1.24
N GLU F 33 -45.44 10.63 -1.88
CA GLU F 33 -46.12 9.73 -2.80
C GLU F 33 -47.03 8.76 -2.07
N SER F 34 -46.65 8.40 -0.84
CA SER F 34 -47.48 7.53 -0.01
C SER F 34 -48.75 8.28 0.40
N ARG F 35 -48.68 9.61 0.33
CA ARG F 35 -49.80 10.48 0.69
C ARG F 35 -50.81 10.58 -0.45
N THR F 36 -50.34 10.93 -1.64
CA THR F 36 -51.21 11.03 -2.81
C THR F 36 -51.85 9.67 -3.09
N GLN F 37 -51.11 8.62 -2.72
CA GLN F 37 -51.56 7.24 -2.88
C GLN F 37 -51.50 6.52 -1.54
N ASN F 38 -52.61 6.56 -0.80
CA ASN F 38 -52.65 5.94 0.52
C ASN F 38 -53.22 4.53 0.52
N GLY F 39 -52.42 3.60 1.01
CA GLY F 39 -52.72 2.19 1.06
C GLY F 39 -51.35 1.56 0.88
N ARG F 40 -50.58 1.51 1.97
CA ARG F 40 -49.20 1.01 1.97
C ARG F 40 -48.93 -0.31 1.21
N SER F 41 -49.87 -0.67 0.33
CA SER F 41 -49.77 -1.85 -0.52
C SER F 41 -48.34 -1.88 -1.03
N PHE F 42 -47.72 -3.05 -1.01
CA PHE F 42 -46.31 -3.09 -1.30
C PHE F 42 -45.87 -4.15 -2.32
N GLN F 43 -44.78 -3.81 -3.01
CA GLN F 43 -44.07 -4.65 -3.96
C GLN F 43 -44.59 -4.76 -5.39
N ARG F 44 -43.75 -4.32 -6.33
CA ARG F 44 -44.06 -4.35 -7.76
C ARG F 44 -45.44 -3.75 -8.03
N THR F 45 -45.93 -2.97 -7.06
CA THR F 45 -47.24 -2.34 -7.16
C THR F 45 -47.22 -0.95 -6.54
N GLY F 46 -47.98 -0.05 -7.15
CA GLY F 46 -48.05 1.32 -6.69
C GLY F 46 -47.73 2.26 -7.84
N THR F 47 -48.11 3.52 -7.67
CA THR F 47 -47.85 4.53 -8.68
C THR F 47 -46.39 4.48 -9.11
N LEU F 48 -46.12 4.84 -10.36
CA LEU F 48 -44.75 4.84 -10.84
C LEU F 48 -43.89 5.74 -9.97
N ALA F 49 -44.37 6.96 -9.76
CA ALA F 49 -43.65 7.92 -8.92
C ALA F 49 -43.33 7.29 -7.57
N PHE F 50 -44.32 6.67 -6.95
CA PHE F 50 -44.12 6.02 -5.66
C PHE F 50 -43.08 4.92 -5.76
N GLU F 51 -43.15 4.11 -6.81
CA GLU F 51 -42.19 3.03 -7.01
C GLU F 51 -40.82 3.62 -7.41
N ARG F 52 -40.85 4.67 -8.23
CA ARG F 52 -39.63 5.34 -8.66
C ARG F 52 -38.95 5.98 -7.44
N VAL F 53 -39.74 6.61 -6.59
CA VAL F 53 -39.24 7.27 -5.39
C VAL F 53 -38.80 6.28 -4.33
N TYR F 54 -39.69 5.36 -3.96
CA TYR F 54 -39.34 4.36 -2.95
C TYR F 54 -38.07 3.61 -3.38
N THR F 55 -37.98 3.33 -4.67
CA THR F 55 -36.81 2.65 -5.20
C THR F 55 -35.56 3.49 -5.03
N ALA F 56 -35.62 4.74 -5.48
CA ALA F 56 -34.50 5.68 -5.37
C ALA F 56 -34.03 5.78 -3.93
N ASN F 57 -34.98 6.00 -3.04
CA ASN F 57 -34.68 6.09 -1.62
C ASN F 57 -34.16 4.76 -1.05
N GLN F 58 -34.92 3.69 -1.24
CA GLN F 58 -34.50 2.36 -0.76
C GLN F 58 -33.25 1.85 -1.47
N ASN F 59 -32.60 2.74 -2.20
CA ASN F 59 -31.37 2.40 -2.90
C ASN F 59 -30.22 3.10 -2.20
N CYS F 60 -30.50 4.30 -1.71
CA CYS F 60 -29.51 5.06 -0.99
C CYS F 60 -29.45 4.55 0.44
N VAL F 61 -30.53 3.89 0.86
CA VAL F 61 -30.58 3.35 2.20
C VAL F 61 -29.62 2.16 2.30
N ASP F 62 -29.45 1.46 1.19
CA ASP F 62 -28.55 0.32 1.17
C ASP F 62 -27.10 0.76 1.07
N ALA F 63 -26.90 2.03 0.72
CA ALA F 63 -25.57 2.58 0.56
C ALA F 63 -25.01 3.18 1.85
N TYR F 64 -25.80 4.04 2.51
CA TYR F 64 -25.39 4.72 3.73
C TYR F 64 -24.43 3.95 4.64
N PRO F 65 -24.82 2.76 5.10
CA PRO F 65 -23.96 1.96 5.96
C PRO F 65 -22.56 1.82 5.38
N THR F 66 -22.46 1.06 4.28
CA THR F 66 -21.20 0.84 3.59
C THR F 66 -20.46 2.15 3.36
N PHE F 67 -21.22 3.23 3.22
CA PHE F 67 -20.65 4.55 3.02
C PHE F 67 -20.02 5.02 4.32
N LEU F 68 -20.88 5.29 5.31
CA LEU F 68 -20.44 5.76 6.62
C LEU F 68 -19.21 5.01 7.09
N ALA F 69 -19.20 3.72 6.80
CA ALA F 69 -18.09 2.83 7.16
C ALA F 69 -16.77 3.32 6.56
N VAL F 70 -16.72 3.37 5.24
CA VAL F 70 -15.52 3.82 4.57
C VAL F 70 -15.22 5.25 4.98
N LEU F 71 -16.25 6.08 5.03
CA LEU F 71 -16.09 7.48 5.42
C LEU F 71 -15.31 7.63 6.72
N TRP F 72 -15.82 7.03 7.79
CA TRP F 72 -15.14 7.14 9.07
C TRP F 72 -13.79 6.44 9.11
N SER F 73 -13.73 5.21 8.64
CA SER F 73 -12.48 4.47 8.62
C SER F 73 -11.37 5.26 7.96
N ALA F 74 -11.70 5.90 6.85
CA ALA F 74 -10.72 6.70 6.12
C ALA F 74 -10.32 7.94 6.91
N GLY F 75 -11.27 8.56 7.62
CA GLY F 75 -11.05 9.76 8.40
C GLY F 75 -10.26 9.51 9.69
N LEU F 76 -10.27 8.27 10.18
CA LEU F 76 -9.55 7.94 11.40
C LEU F 76 -8.23 7.25 11.12
N LEU F 77 -8.25 6.30 10.20
CA LEU F 77 -7.05 5.56 9.83
C LEU F 77 -5.97 6.42 9.16
N CYS F 78 -6.38 7.55 8.58
CA CYS F 78 -5.44 8.45 7.91
C CYS F 78 -6.15 9.63 7.24
N SER F 79 -5.84 10.84 7.71
CA SER F 79 -6.36 12.10 7.17
C SER F 79 -7.44 12.85 7.96
N GLN F 80 -8.69 12.55 7.63
CA GLN F 80 -9.88 13.17 8.21
C GLN F 80 -10.43 14.28 7.33
N VAL F 81 -9.54 15.11 6.81
CA VAL F 81 -9.96 16.21 5.96
C VAL F 81 -10.37 15.67 4.59
N PRO F 82 -9.44 15.00 3.90
CA PRO F 82 -9.77 14.43 2.59
C PRO F 82 -11.00 13.54 2.70
N ALA F 83 -10.96 12.65 3.68
CA ALA F 83 -12.08 11.74 3.92
C ALA F 83 -13.38 12.50 4.10
N ALA F 84 -13.33 13.58 4.86
CA ALA F 84 -14.51 14.39 5.13
C ALA F 84 -15.02 15.07 3.86
N PHE F 85 -14.11 15.49 2.99
CA PHE F 85 -14.49 16.14 1.75
C PHE F 85 -15.06 15.09 0.81
N ALA F 86 -14.36 13.97 0.71
CA ALA F 86 -14.78 12.87 -0.14
C ALA F 86 -16.24 12.52 0.16
N GLY F 87 -16.54 12.38 1.45
CA GLY F 87 -17.87 12.09 1.93
C GLY F 87 -18.86 13.16 1.53
N LEU F 88 -18.39 14.40 1.50
CA LEU F 88 -19.21 15.54 1.11
C LEU F 88 -19.55 15.39 -0.36
N TYR F 90 -19.65 12.73 -2.01
CA TYR F 90 -20.60 11.62 -2.07
C TYR F 90 -22.00 12.19 -1.90
N LEU F 91 -22.21 12.91 -0.80
CA LEU F 91 -23.51 13.50 -0.49
C LEU F 91 -24.11 14.22 -1.71
N PHE F 92 -23.25 14.75 -2.57
CA PHE F 92 -23.69 15.43 -3.77
C PHE F 92 -24.07 14.45 -4.85
N VAL F 93 -23.19 13.48 -5.09
CA VAL F 93 -23.48 12.46 -6.06
C VAL F 93 -24.76 11.77 -5.64
N ARG F 94 -25.00 11.77 -4.33
CA ARG F 94 -26.20 11.15 -3.79
C ARG F 94 -27.42 11.92 -4.22
N GLN F 95 -27.34 13.25 -4.08
CA GLN F 95 -28.42 14.12 -4.50
C GLN F 95 -28.68 13.89 -5.97
N LYS F 96 -27.66 14.13 -6.78
CA LYS F 96 -27.77 13.97 -8.22
C LYS F 96 -28.43 12.68 -8.68
N TYR F 97 -28.05 11.56 -8.07
CA TYR F 97 -28.66 10.28 -8.43
C TYR F 97 -30.10 10.24 -7.95
N PHE F 98 -30.31 10.47 -6.65
CA PHE F 98 -31.66 10.43 -6.10
C PHE F 98 -32.60 11.29 -6.91
N VAL F 99 -32.14 12.49 -7.23
CA VAL F 99 -32.91 13.43 -8.03
C VAL F 99 -33.09 12.88 -9.44
N GLY F 100 -31.98 12.46 -10.06
CA GLY F 100 -32.01 11.91 -11.41
C GLY F 100 -32.85 10.64 -11.48
N TYR F 101 -33.19 10.10 -10.33
CA TYR F 101 -33.99 8.89 -10.28
C TYR F 101 -35.46 9.23 -10.13
N LEU F 102 -35.76 10.53 -10.22
CA LEU F 102 -37.13 11.01 -10.12
C LEU F 102 -37.47 11.71 -11.43
N GLY F 103 -37.40 10.95 -12.52
CA GLY F 103 -37.66 11.52 -13.83
C GLY F 103 -38.21 10.57 -14.89
N GLU F 104 -37.66 10.65 -16.10
CA GLU F 104 -38.13 9.84 -17.22
C GLU F 104 -37.10 8.86 -17.82
N ARG F 105 -36.06 8.52 -17.06
CA ARG F 105 -35.01 7.62 -17.55
C ARG F 105 -34.37 8.17 -18.82
N THR F 106 -34.72 9.42 -19.13
CA THR F 106 -34.20 10.16 -20.28
C THR F 106 -32.67 10.22 -20.24
N GLN F 107 -32.04 10.20 -21.41
CA GLN F 107 -30.58 10.25 -21.50
C GLN F 107 -29.90 8.94 -21.08
N SER F 108 -30.63 7.84 -21.26
CA SER F 108 -30.19 6.46 -21.01
C SER F 108 -30.82 5.62 -19.87
N THR F 109 -30.24 5.66 -18.67
CA THR F 109 -30.72 4.81 -17.56
C THR F 109 -29.91 4.96 -16.26
N PRO F 110 -30.60 5.13 -15.11
CA PRO F 110 -29.83 5.16 -13.86
C PRO F 110 -29.73 3.73 -13.30
N GLY F 111 -28.60 3.38 -12.71
CA GLY F 111 -28.40 2.04 -12.21
C GLY F 111 -28.41 1.93 -10.69
N TYR F 112 -28.55 0.69 -10.20
CA TYR F 112 -28.60 0.39 -8.76
C TYR F 112 -27.21 0.56 -8.13
N ILE F 113 -26.40 1.47 -8.64
CA ILE F 113 -25.06 1.67 -8.11
C ILE F 113 -24.85 3.11 -7.65
N PHE F 114 -24.44 3.27 -6.41
CA PHE F 114 -24.18 4.62 -5.91
C PHE F 114 -22.72 4.97 -5.80
N GLY F 115 -22.31 5.91 -6.65
CA GLY F 115 -20.96 6.43 -6.69
C GLY F 115 -19.87 5.47 -6.24
N LYS F 116 -19.23 4.83 -7.22
CA LYS F 116 -18.19 3.87 -6.89
C LYS F 116 -16.93 4.51 -6.39
N ARG F 117 -16.18 5.08 -7.32
CA ARG F 117 -14.91 5.70 -7.02
C ARG F 117 -14.88 6.45 -5.71
N ILE F 118 -15.96 7.12 -5.35
CA ILE F 118 -15.97 7.86 -4.10
C ILE F 118 -15.65 7.00 -2.88
N ILE F 119 -16.34 5.87 -2.73
CA ILE F 119 -16.07 5.00 -1.59
C ILE F 119 -14.82 4.20 -1.88
N LEU F 120 -14.58 3.95 -3.16
CA LEU F 120 -13.38 3.22 -3.55
C LEU F 120 -12.19 3.97 -2.98
N PHE F 121 -12.21 5.28 -3.14
CA PHE F 121 -11.16 6.15 -2.61
C PHE F 121 -11.17 6.07 -1.09
N LEU F 122 -12.33 6.33 -0.48
CA LEU F 122 -12.45 6.28 0.98
C LEU F 122 -11.94 4.93 1.50
N PHE F 123 -12.10 3.90 0.69
CA PHE F 123 -11.65 2.57 1.06
C PHE F 123 -10.14 2.52 1.06
N LEU F 124 -9.52 3.20 0.09
CA LEU F 124 -8.07 3.22 -0.04
C LEU F 124 -7.42 3.97 1.11
N SER F 126 -8.44 4.15 4.00
CA SER F 126 -8.51 3.26 5.15
C SER F 126 -7.44 2.18 4.98
N VAL F 127 -7.42 1.55 3.81
CA VAL F 127 -6.42 0.52 3.51
C VAL F 127 -5.03 1.13 3.55
N ALA F 128 -4.99 2.46 3.52
CA ALA F 128 -3.73 3.18 3.57
C ALA F 128 -3.15 3.10 4.98
N GLY F 129 -3.66 3.93 5.87
CA GLY F 129 -3.22 3.95 7.25
C GLY F 129 -3.26 2.59 7.90
N ILE F 130 -4.22 1.78 7.49
CA ILE F 130 -4.34 0.44 8.02
C ILE F 130 -3.02 -0.28 7.82
N PHE F 131 -2.38 0.00 6.69
CA PHE F 131 -1.10 -0.61 6.38
C PHE F 131 0.06 0.20 6.92
N ASN F 132 0.04 1.51 6.69
CA ASN F 132 1.10 2.38 7.17
C ASN F 132 1.26 2.16 8.67
N TYR F 133 0.19 1.78 9.34
CA TYR F 133 0.23 1.49 10.78
C TYR F 133 1.24 0.38 10.93
N TYR F 134 0.87 -0.82 10.48
CA TYR F 134 1.71 -1.99 10.58
C TYR F 134 3.21 -1.72 10.42
N LEU F 135 3.55 -0.74 9.58
CA LEU F 135 4.95 -0.38 9.42
C LEU F 135 5.42 0.24 10.72
N ILE F 136 4.75 1.30 11.14
CA ILE F 136 5.10 1.99 12.37
C ILE F 136 5.16 1.00 13.53
N PHE F 137 4.20 0.08 13.56
CA PHE F 137 4.13 -0.92 14.61
C PHE F 137 5.35 -1.82 14.58
N PHE F 138 5.44 -2.65 13.54
CA PHE F 138 6.52 -3.58 13.34
C PHE F 138 7.89 -2.95 13.47
N PHE F 139 8.02 -1.69 13.08
CA PHE F 139 9.32 -1.06 13.10
C PHE F 139 9.78 -0.27 14.34
N GLY F 140 9.56 -0.89 15.49
CA GLY F 140 10.03 -0.42 16.77
C GLY F 140 11.45 -0.95 16.80
N SER F 141 11.84 -1.57 15.67
CA SER F 141 13.19 -2.09 15.46
C SER F 141 14.10 -0.89 15.29
N ASP F 142 13.83 0.14 16.07
CA ASP F 142 14.58 1.38 16.06
C ASP F 142 14.74 1.83 17.51
N PHE F 143 14.93 0.87 18.42
CA PHE F 143 15.17 1.21 19.81
C PHE F 143 16.53 1.92 19.92
N GLU F 144 17.06 2.27 18.75
CA GLU F 144 18.35 2.91 18.57
C GLU F 144 19.36 2.51 19.60
N ASN F 145 20.39 1.81 19.15
CA ASN F 145 21.45 1.38 20.04
C ASN F 145 21.98 2.58 20.81
N TYR F 146 22.02 2.42 22.12
CA TYR F 146 22.50 3.47 23.00
C TYR F 146 23.91 3.09 23.45
N ILE F 147 24.85 4.00 23.30
CA ILE F 147 26.18 3.73 23.82
C ILE F 147 26.46 4.84 24.84
N ALA F 148 25.41 5.64 25.07
CA ALA F 148 25.40 6.71 26.04
C ALA F 148 26.65 7.56 26.06
N THR F 149 26.87 8.23 27.18
CA THR F 149 28.02 9.12 27.35
C THR F 149 28.76 8.80 28.64
#